data_6SDK
#
_entry.id   6SDK
#
_cell.length_a   47.186
_cell.length_b   104.501
_cell.length_c   103.193
_cell.angle_alpha   90.000
_cell.angle_beta   102.568
_cell.angle_gamma   90.000
#
_symmetry.space_group_name_H-M   'P 1 21 1'
#
loop_
_entity.id
_entity.type
_entity.pdbx_description
1 polymer 'Stage 0 sporulation protein J'
2 non-polymer "CYTIDINE-5'-DIPHOSPHATE"
3 non-polymer 'CALCIUM ION'
4 water water
#
_entity_poly.entity_id   1
_entity_poly.type   'polypeptide(L)'
_entity_poly.pdbx_seq_one_letter_code
;(MSE)ETVEEIKIADLRPNPYQPRKHFDDEALAELKESVLQHGILQPLIVRKSLKGYDIVAGERRFRAAKLAGLDTVPAI
VRELSEAL(MSE)REIALLENLQREDLSPLEEAQAYDSLLKHLDLTQEQLAKRLGKSRPHIANHLRLLTLPENIQQLIAE
GTLS(MSE)GHGRTLLGLKNKNKLEPLVQKVIAEQLNVRQLEQLIQQLNQN
;
_entity_poly.pdbx_strand_id   A,B,C,D
#
loop_
_chem_comp.id
_chem_comp.type
_chem_comp.name
_chem_comp.formula
CA non-polymer 'CALCIUM ION' 'Ca 2'
CDP non-polymer CYTIDINE-5'-DIPHOSPHATE 'C9 H15 N3 O11 P2'
#
# COMPACT_ATOMS: atom_id res chain seq x y z
N MSE A 1 -16.13 12.46 15.20
CA MSE A 1 -14.83 12.09 14.61
C MSE A 1 -14.56 10.59 14.82
O MSE A 1 -13.89 10.18 15.78
CB MSE A 1 -13.69 12.92 15.24
CG MSE A 1 -13.08 13.99 14.32
SE MSE A 1 -11.15 13.75 14.01
CE MSE A 1 -11.02 14.21 12.07
HA MSE A 1 -14.86 12.28 13.66
HB2 MSE A 1 -14.04 13.37 16.02
HB3 MSE A 1 -12.97 12.31 15.49
HG2 MSE A 1 -13.52 13.96 13.45
HG3 MSE A 1 -13.20 14.86 14.72
HE1 MSE A 1 -11.37 13.47 11.55
HE2 MSE A 1 -11.54 15.01 11.90
HE3 MSE A 1 -10.09 14.37 11.85
N GLU A 2 -15.07 9.74 13.93
CA GLU A 2 -14.78 8.32 14.01
C GLU A 2 -13.44 8.03 13.36
N THR A 3 -12.63 7.21 14.01
CA THR A 3 -11.29 6.96 13.52
C THR A 3 -11.02 5.47 13.39
N VAL A 4 -10.05 5.15 12.54
CA VAL A 4 -9.55 3.79 12.37
C VAL A 4 -8.25 3.68 13.16
N GLU A 5 -8.25 2.83 14.17
CA GLU A 5 -7.07 2.61 15.00
C GLU A 5 -6.46 1.27 14.61
N GLU A 6 -5.14 1.19 14.69
CA GLU A 6 -4.47 -0.09 14.66
C GLU A 6 -4.50 -0.68 16.07
N ILE A 7 -5.16 -1.80 16.23
CA ILE A 7 -5.33 -2.46 17.53
C ILE A 7 -4.45 -3.70 17.57
N LYS A 8 -3.72 -3.88 18.67
CA LYS A 8 -2.86 -5.05 18.81
C LYS A 8 -3.67 -6.33 18.77
N ILE A 9 -3.16 -7.31 18.04
CA ILE A 9 -3.78 -8.64 17.99
C ILE A 9 -4.04 -9.17 19.39
N ALA A 10 -3.10 -8.93 20.32
CA ALA A 10 -3.24 -9.48 21.67
C ALA A 10 -4.41 -8.89 22.46
N ASP A 11 -4.94 -7.74 22.04
CA ASP A 11 -5.99 -7.06 22.79
C ASP A 11 -7.39 -7.41 22.30
N LEU A 12 -7.49 -8.23 21.25
CA LEU A 12 -8.77 -8.53 20.64
C LEU A 12 -9.35 -9.81 21.19
N ARG A 13 -10.66 -9.81 21.42
CA ARG A 13 -11.40 -10.94 21.93
C ARG A 13 -12.36 -11.45 20.86
N PRO A 14 -12.70 -12.72 20.86
CA PRO A 14 -13.58 -13.24 19.79
C PRO A 14 -14.96 -12.60 19.89
N ASN A 15 -15.71 -12.74 18.81
CA ASN A 15 -17.06 -12.16 18.76
C ASN A 15 -17.97 -12.94 19.70
N PRO A 16 -18.49 -12.32 20.76
CA PRO A 16 -19.41 -13.03 21.67
C PRO A 16 -20.63 -13.62 21.00
N TYR A 17 -21.05 -13.06 19.87
CA TYR A 17 -22.29 -13.47 19.20
C TYR A 17 -22.00 -13.97 17.80
N GLN A 18 -20.84 -14.58 17.63
CA GLN A 18 -20.35 -15.11 16.35
C GLN A 18 -21.35 -16.04 15.68
N PRO A 19 -21.90 -15.67 14.51
CA PRO A 19 -22.84 -16.58 13.82
C PRO A 19 -22.14 -17.68 13.03
N ARG A 20 -20.87 -17.50 12.72
CA ARG A 20 -20.13 -18.44 11.90
C ARG A 20 -19.66 -19.59 12.78
N LYS A 21 -20.03 -20.82 12.40
CA LYS A 21 -19.62 -22.01 13.13
C LYS A 21 -18.50 -22.77 12.45
N HIS A 22 -18.29 -22.54 11.15
CA HIS A 22 -17.29 -23.22 10.34
C HIS A 22 -16.34 -22.17 9.80
N PHE A 23 -15.05 -22.33 10.12
CA PHE A 23 -13.98 -21.47 9.59
C PHE A 23 -13.10 -22.33 8.69
N ASP A 24 -13.44 -22.34 7.39
CA ASP A 24 -12.72 -23.19 6.44
C ASP A 24 -11.26 -22.79 6.35
N ASP A 25 -10.37 -23.78 6.51
CA ASP A 25 -8.92 -23.50 6.48
C ASP A 25 -8.47 -22.99 5.12
N GLU A 26 -9.04 -23.54 4.04
CA GLU A 26 -8.65 -23.11 2.69
C GLU A 26 -9.06 -21.65 2.45
N ALA A 27 -10.25 -21.28 2.89
CA ALA A 27 -10.69 -19.89 2.68
C ALA A 27 -9.89 -18.93 3.54
N LEU A 28 -9.51 -19.35 4.76
CA LEU A 28 -8.65 -18.49 5.59
C LEU A 28 -7.28 -18.31 4.95
N ALA A 29 -6.76 -19.34 4.28
CA ALA A 29 -5.48 -19.16 3.60
C ALA A 29 -5.61 -18.16 2.45
N GLU A 30 -6.72 -18.19 1.73
CA GLU A 30 -6.95 -17.22 0.66
C GLU A 30 -6.96 -15.80 1.22
N LEU A 31 -7.69 -15.59 2.32
CA LEU A 31 -7.74 -14.26 2.94
C LEU A 31 -6.38 -13.85 3.47
N LYS A 32 -5.66 -14.78 4.11
CA LYS A 32 -4.28 -14.52 4.51
C LYS A 32 -3.43 -14.04 3.35
N GLU A 33 -3.52 -14.73 2.22
CA GLU A 33 -2.74 -14.35 1.05
C GLU A 33 -3.10 -12.96 0.59
N SER A 34 -4.40 -12.62 0.62
CA SER A 34 -4.81 -11.28 0.20
C SER A 34 -4.32 -10.23 1.19
N VAL A 35 -4.33 -10.55 2.48
CA VAL A 35 -3.83 -9.60 3.48
C VAL A 35 -2.34 -9.35 3.28
N LEU A 36 -1.60 -10.38 2.90
CA LEU A 36 -0.19 -10.20 2.56
C LEU A 36 0.01 -9.31 1.33
N GLN A 37 -0.89 -9.39 0.35
CA GLN A 37 -0.76 -8.52 -0.85
C GLN A 37 -1.22 -7.10 -0.60
N HIS A 38 -2.34 -6.93 0.08
CA HIS A 38 -2.96 -5.62 0.15
C HIS A 38 -3.11 -5.04 1.54
N GLY A 39 -2.76 -5.78 2.59
CA GLY A 39 -3.17 -5.39 3.93
C GLY A 39 -4.64 -5.69 4.15
N ILE A 40 -5.14 -5.37 5.36
CA ILE A 40 -6.57 -5.44 5.63
C ILE A 40 -7.24 -4.19 5.09
N LEU A 41 -8.04 -4.38 4.03
CA LEU A 41 -8.65 -3.27 3.31
C LEU A 41 -9.85 -2.69 4.03
N GLN A 42 -10.57 -3.50 4.80
CA GLN A 42 -11.77 -3.06 5.45
C GLN A 42 -11.56 -3.10 6.95
N PRO A 43 -11.65 -1.98 7.65
CA PRO A 43 -11.47 -2.03 9.12
C PRO A 43 -12.46 -2.97 9.80
N LEU A 44 -11.97 -3.69 10.80
CA LEU A 44 -12.85 -4.44 11.68
C LEU A 44 -13.73 -3.47 12.48
N ILE A 45 -14.90 -3.95 12.92
CA ILE A 45 -15.70 -3.24 13.91
C ILE A 45 -15.53 -3.93 15.25
N VAL A 46 -15.20 -3.16 16.28
CA VAL A 46 -15.02 -3.70 17.62
C VAL A 46 -15.65 -2.79 18.68
N ARG A 47 -15.84 -3.36 19.87
CA ARG A 47 -16.39 -2.64 21.01
C ARG A 47 -15.46 -2.84 22.19
N LYS A 48 -15.22 -1.78 22.96
CA LYS A 48 -14.37 -1.91 24.13
C LYS A 48 -15.02 -2.81 25.19
N SER A 49 -14.28 -3.81 25.63
CA SER A 49 -14.69 -4.62 26.78
C SER A 49 -14.18 -3.93 28.05
N LEU A 50 -14.25 -4.63 29.20
CA LEU A 50 -13.63 -4.10 30.41
C LEU A 50 -12.11 -4.09 30.27
N LYS A 51 -11.55 -5.11 29.62
CA LYS A 51 -10.15 -5.14 29.21
C LYS A 51 -10.14 -5.63 27.76
N GLY A 52 -9.42 -4.97 26.89
CA GLY A 52 -9.41 -5.40 25.50
C GLY A 52 -10.67 -5.00 24.74
N TYR A 53 -10.85 -5.65 23.58
CA TYR A 53 -11.92 -5.30 22.66
C TYR A 53 -12.57 -6.55 22.10
N ASP A 54 -13.90 -6.55 22.11
CA ASP A 54 -14.66 -7.62 21.47
C ASP A 54 -14.83 -7.35 19.97
N ILE A 55 -14.58 -8.36 19.13
CA ILE A 55 -14.86 -8.23 17.71
C ILE A 55 -16.36 -8.27 17.48
N VAL A 56 -16.86 -7.30 16.73
CA VAL A 56 -18.24 -7.30 16.27
C VAL A 56 -18.34 -7.72 14.81
N ALA A 57 -17.35 -7.33 14.01
CA ALA A 57 -17.21 -7.87 12.66
C ALA A 57 -15.74 -7.96 12.30
N GLY A 58 -15.28 -9.16 11.91
CA GLY A 58 -13.91 -9.29 11.50
C GLY A 58 -13.14 -10.51 12.00
N GLU A 59 -13.83 -11.56 12.46
CA GLU A 59 -13.11 -12.70 13.02
C GLU A 59 -12.24 -13.38 11.97
N ARG A 60 -12.71 -13.49 10.72
CA ARG A 60 -11.89 -14.13 9.69
C ARG A 60 -10.65 -13.26 9.40
N ARG A 61 -10.84 -11.94 9.30
CA ARG A 61 -9.71 -11.03 9.12
C ARG A 61 -8.72 -11.15 10.27
N PHE A 62 -9.24 -11.30 11.49
CA PHE A 62 -8.41 -11.46 12.67
C PHE A 62 -7.56 -12.72 12.56
N ARG A 63 -8.17 -13.85 12.21
CA ARG A 63 -7.41 -15.09 12.07
C ARG A 63 -6.44 -15.03 10.90
N ALA A 64 -6.84 -14.39 9.79
CA ALA A 64 -5.91 -14.26 8.66
C ALA A 64 -4.73 -13.37 9.03
N ALA A 65 -4.96 -12.35 9.86
CA ALA A 65 -3.89 -11.46 10.29
C ALA A 65 -2.89 -12.18 11.16
N LYS A 66 -3.37 -13.13 11.96
CA LYS A 66 -2.46 -13.97 12.74
C LYS A 66 -1.65 -14.87 11.83
N LEU A 67 -2.31 -15.50 10.86
CA LEU A 67 -1.59 -16.33 9.89
C LEU A 67 -0.58 -15.53 9.07
N ALA A 68 -0.86 -14.28 8.78
CA ALA A 68 0.06 -13.47 8.02
C ALA A 68 1.17 -12.85 8.86
N GLY A 69 1.14 -13.06 10.18
CA GLY A 69 2.16 -12.53 11.05
C GLY A 69 2.02 -11.05 11.38
N LEU A 70 0.82 -10.50 11.32
CA LEU A 70 0.63 -9.10 11.63
C LEU A 70 0.61 -8.92 13.14
N ASP A 71 1.00 -7.72 13.58
CA ASP A 71 0.98 -7.34 14.99
C ASP A 71 -0.29 -6.61 15.38
N THR A 72 -0.88 -5.89 14.42
CA THR A 72 -2.09 -5.10 14.66
C THR A 72 -3.04 -5.26 13.48
N VAL A 73 -4.31 -4.95 13.73
CA VAL A 73 -5.30 -4.83 12.65
C VAL A 73 -5.97 -3.46 12.71
N PRO A 74 -6.45 -2.94 11.59
CA PRO A 74 -7.24 -1.68 11.60
C PRO A 74 -8.64 -1.93 12.13
N ALA A 75 -9.08 -1.07 13.02
CA ALA A 75 -10.40 -1.29 13.60
C ALA A 75 -11.04 0.03 13.95
N ILE A 76 -12.37 0.04 13.84
CA ILE A 76 -13.21 1.14 14.31
C ILE A 76 -13.86 0.72 15.62
N VAL A 77 -13.63 1.50 16.66
CA VAL A 77 -14.19 1.21 17.98
C VAL A 77 -15.51 1.95 18.15
N ARG A 78 -16.55 1.21 18.47
CA ARG A 78 -17.87 1.78 18.63
C ARG A 78 -18.46 1.39 19.98
N GLU A 79 -19.21 2.31 20.57
CA GLU A 79 -20.02 1.99 21.74
C GLU A 79 -21.32 1.37 21.25
N LEU A 80 -21.57 0.11 21.62
CA LEU A 80 -22.74 -0.59 21.16
C LEU A 80 -23.39 -1.33 22.31
N SER A 81 -24.72 -1.29 22.35
CA SER A 81 -25.49 -2.13 23.27
C SER A 81 -25.34 -3.60 22.91
N GLU A 82 -25.72 -4.46 23.85
CA GLU A 82 -25.71 -5.90 23.55
C GLU A 82 -26.63 -6.21 22.39
N ALA A 83 -27.82 -5.60 22.36
CA ALA A 83 -28.76 -5.85 21.27
C ALA A 83 -28.15 -5.50 19.92
N LEU A 84 -27.53 -4.32 19.82
CA LEU A 84 -26.88 -3.91 18.58
C LEU A 84 -25.77 -4.87 18.19
N MSE A 85 -24.95 -5.30 19.16
CA MSE A 85 -23.85 -6.24 18.88
C MSE A 85 -24.39 -7.54 18.29
O MSE A 85 -23.81 -8.11 17.38
CB MSE A 85 -23.05 -6.60 20.12
CG MSE A 85 -22.22 -5.45 20.67
SE MSE A 85 -21.31 -5.90 22.36
CE MSE A 85 -20.15 -7.33 21.67
H MSE A 85 -25.00 -5.05 19.99
HA MSE A 85 -23.25 -5.81 18.25
HB2 MSE A 85 -23.66 -6.87 20.82
HB3 MSE A 85 -22.44 -7.32 19.91
HG2 MSE A 85 -21.55 -5.21 20.02
HG3 MSE A 85 -22.80 -4.69 20.83
HE1 MSE A 85 -19.57 -7.64 22.37
HE2 MSE A 85 -20.71 -8.06 21.35
HE3 MSE A 85 -19.62 -6.97 20.92
N ARG A 86 -25.51 -8.05 18.84
CA ARG A 86 -26.09 -9.28 18.32
C ARG A 86 -26.62 -9.07 16.91
N GLU A 87 -27.31 -7.95 16.68
CA GLU A 87 -27.84 -7.64 15.36
C GLU A 87 -26.73 -7.49 14.32
N ILE A 88 -25.71 -6.67 14.65
CA ILE A 88 -24.68 -6.32 13.68
C ILE A 88 -23.84 -7.54 13.34
N ALA A 89 -23.62 -8.43 14.31
CA ALA A 89 -22.87 -9.66 14.04
C ALA A 89 -23.47 -10.45 12.88
N LEU A 90 -24.79 -10.48 12.78
CA LEU A 90 -25.42 -11.13 11.63
C LEU A 90 -25.48 -10.18 10.44
N LEU A 91 -25.95 -8.95 10.65
CA LEU A 91 -26.26 -8.07 9.52
C LEU A 91 -25.07 -7.75 8.63
N GLU A 92 -23.89 -7.61 9.23
CA GLU A 92 -22.73 -7.22 8.44
C GLU A 92 -22.44 -8.26 7.36
N ASN A 93 -22.79 -9.52 7.62
CA ASN A 93 -22.71 -10.65 6.70
C ASN A 93 -23.97 -10.86 5.88
N LEU A 94 -25.14 -10.63 6.45
CA LEU A 94 -26.41 -10.97 5.80
C LEU A 94 -26.76 -9.99 4.69
N GLN A 95 -26.60 -8.69 4.95
CA GLN A 95 -27.01 -7.66 4.01
C GLN A 95 -25.89 -7.30 3.03
N ARG A 96 -25.60 -8.26 2.13
CA ARG A 96 -24.60 -8.04 1.09
C ARG A 96 -24.86 -9.08 0.00
N GLU A 97 -24.45 -8.75 -1.21
CA GLU A 97 -24.74 -9.58 -2.38
C GLU A 97 -23.44 -10.07 -2.99
N ASP A 98 -23.35 -11.35 -3.26
CA ASP A 98 -22.12 -11.79 -3.88
C ASP A 98 -22.12 -11.39 -5.36
N LEU A 99 -20.96 -11.48 -5.98
CA LEU A 99 -20.86 -11.35 -7.42
C LEU A 99 -21.23 -12.69 -8.06
N SER A 100 -21.86 -12.62 -9.24
CA SER A 100 -22.18 -13.86 -9.97
C SER A 100 -20.91 -14.48 -10.55
N PRO A 101 -20.95 -15.77 -10.90
CA PRO A 101 -19.77 -16.37 -11.55
C PRO A 101 -19.29 -15.62 -12.78
N LEU A 102 -20.21 -15.07 -13.56
CA LEU A 102 -19.84 -14.32 -14.75
C LEU A 102 -19.23 -12.99 -14.38
N GLU A 103 -19.77 -12.31 -13.38
CA GLU A 103 -19.14 -11.05 -12.96
C GLU A 103 -17.72 -11.32 -12.46
N GLU A 104 -17.52 -12.39 -11.69
CA GLU A 104 -16.17 -12.73 -11.26
C GLU A 104 -15.29 -12.99 -12.50
N ALA A 105 -15.76 -13.83 -13.43
CA ALA A 105 -14.99 -14.14 -14.62
C ALA A 105 -14.63 -12.89 -15.43
N GLN A 106 -15.62 -11.99 -15.64
CA GLN A 106 -15.35 -10.76 -16.39
C GLN A 106 -14.31 -9.90 -15.69
N ALA A 107 -14.39 -9.83 -14.35
CA ALA A 107 -13.40 -9.08 -13.57
C ALA A 107 -11.99 -9.65 -13.76
N TYR A 108 -11.85 -10.97 -13.70
CA TYR A 108 -10.54 -11.55 -13.93
C TYR A 108 -10.02 -11.17 -15.32
N ASP A 109 -10.88 -11.31 -16.34
CA ASP A 109 -10.46 -11.00 -17.69
C ASP A 109 -10.00 -9.56 -17.81
N SER A 110 -10.78 -8.63 -17.25
CA SER A 110 -10.41 -7.23 -17.23
C SER A 110 -9.06 -7.02 -16.56
N LEU A 111 -8.86 -7.63 -15.38
CA LEU A 111 -7.60 -7.42 -14.65
C LEU A 111 -6.40 -8.02 -15.40
N LEU A 112 -6.56 -9.20 -15.98
CA LEU A 112 -5.46 -9.73 -16.79
C LEU A 112 -5.02 -8.72 -17.84
N LYS A 113 -5.97 -8.15 -18.57
CA LYS A 113 -5.65 -7.24 -19.66
C LYS A 113 -5.06 -5.94 -19.12
N HIS A 114 -5.71 -5.34 -18.12
CA HIS A 114 -5.30 -4.01 -17.72
C HIS A 114 -4.09 -4.01 -16.80
N LEU A 115 -3.88 -5.06 -16.03
CA LEU A 115 -2.65 -5.18 -15.25
C LEU A 115 -1.54 -5.98 -15.99
N ASP A 116 -1.84 -6.52 -17.16
CA ASP A 116 -0.87 -7.26 -17.99
C ASP A 116 -0.20 -8.38 -17.18
N LEU A 117 -1.05 -9.27 -16.67
CA LEU A 117 -0.62 -10.37 -15.83
C LEU A 117 -1.06 -11.67 -16.47
N THR A 118 -0.33 -12.74 -16.16
CA THR A 118 -0.78 -14.09 -16.47
C THR A 118 -1.79 -14.52 -15.41
N GLN A 119 -2.50 -15.61 -15.70
CA GLN A 119 -3.42 -16.21 -14.74
C GLN A 119 -2.73 -16.46 -13.40
N GLU A 120 -1.53 -17.07 -13.44
CA GLU A 120 -0.80 -17.39 -12.23
C GLU A 120 -0.47 -16.15 -11.44
N GLN A 121 0.00 -15.11 -12.12
CA GLN A 121 0.36 -13.87 -11.46
C GLN A 121 -0.86 -13.21 -10.84
N LEU A 122 -2.00 -13.25 -11.54
CA LEU A 122 -3.23 -12.66 -11.02
C LEU A 122 -3.72 -13.44 -9.81
N ALA A 123 -3.62 -14.76 -9.88
CA ALA A 123 -3.98 -15.60 -8.76
C ALA A 123 -3.18 -15.23 -7.51
N LYS A 124 -1.87 -15.02 -7.66
CA LYS A 124 -1.05 -14.61 -6.53
C LYS A 124 -1.49 -13.24 -6.02
N ARG A 125 -1.78 -12.31 -6.93
CA ARG A 125 -2.15 -10.97 -6.54
C ARG A 125 -3.47 -10.92 -5.77
N LEU A 126 -4.43 -11.78 -6.10
CA LEU A 126 -5.77 -11.77 -5.53
C LEU A 126 -5.95 -12.72 -4.36
N GLY A 127 -4.96 -13.59 -4.11
CA GLY A 127 -5.11 -14.63 -3.10
C GLY A 127 -6.06 -15.75 -3.47
N LYS A 128 -6.09 -16.15 -4.73
CA LYS A 128 -6.95 -17.22 -5.19
C LYS A 128 -6.06 -18.24 -5.91
N SER A 129 -6.57 -19.43 -6.13
CA SER A 129 -5.77 -20.42 -6.85
C SER A 129 -5.80 -20.14 -8.34
N ARG A 130 -4.75 -20.59 -9.02
CA ARG A 130 -4.69 -20.41 -10.47
C ARG A 130 -5.83 -21.13 -11.14
N PRO A 131 -6.14 -22.40 -10.79
CA PRO A 131 -7.32 -23.03 -11.43
C PRO A 131 -8.61 -22.28 -11.20
N HIS A 132 -8.79 -21.71 -10.01
CA HIS A 132 -10.02 -20.95 -9.76
C HIS A 132 -10.17 -19.87 -10.82
N ILE A 133 -9.09 -19.14 -11.08
CA ILE A 133 -9.12 -18.10 -12.10
C ILE A 133 -9.36 -18.70 -13.48
N ALA A 134 -8.53 -19.69 -13.88
CA ALA A 134 -8.66 -20.28 -15.21
C ALA A 134 -10.05 -20.82 -15.46
N ASN A 135 -10.62 -21.52 -14.47
CA ASN A 135 -11.91 -22.15 -14.64
C ASN A 135 -13.02 -21.11 -14.78
N HIS A 136 -12.91 -19.96 -14.09
CA HIS A 136 -13.90 -18.91 -14.31
C HIS A 136 -13.75 -18.29 -15.69
N LEU A 137 -12.51 -18.09 -16.15
CA LEU A 137 -12.31 -17.53 -17.49
C LEU A 137 -12.91 -18.44 -18.57
N ARG A 138 -12.93 -19.74 -18.35
CA ARG A 138 -13.49 -20.63 -19.37
C ARG A 138 -14.96 -20.34 -19.63
N LEU A 139 -15.68 -19.81 -18.64
CA LEU A 139 -17.09 -19.51 -18.82
C LEU A 139 -17.28 -18.51 -19.94
N LEU A 140 -16.30 -17.65 -20.15
CA LEU A 140 -16.41 -16.63 -21.19
C LEU A 140 -16.32 -17.21 -22.59
N THR A 141 -16.02 -18.51 -22.72
CA THR A 141 -16.05 -19.14 -24.05
C THR A 141 -17.40 -19.74 -24.38
N LEU A 142 -18.34 -19.77 -23.44
CA LEU A 142 -19.67 -20.22 -23.71
C LEU A 142 -20.43 -19.18 -24.54
N PRO A 143 -21.44 -19.62 -25.28
CA PRO A 143 -22.36 -18.69 -25.94
C PRO A 143 -22.96 -17.71 -24.94
N GLU A 144 -23.18 -16.47 -25.42
CA GLU A 144 -23.65 -15.41 -24.54
C GLU A 144 -24.99 -15.77 -23.87
N ASN A 145 -25.87 -16.47 -24.57
CA ASN A 145 -27.16 -16.73 -23.95
C ASN A 145 -27.03 -17.72 -22.79
N ILE A 146 -26.04 -18.62 -22.86
CA ILE A 146 -25.75 -19.52 -21.74
C ILE A 146 -25.00 -18.79 -20.63
N GLN A 147 -24.10 -17.88 -21.00
CA GLN A 147 -23.46 -17.05 -19.99
C GLN A 147 -24.51 -16.32 -19.17
N GLN A 148 -25.56 -15.80 -19.83
CA GLN A 148 -26.61 -15.07 -19.13
C GLN A 148 -27.34 -15.98 -18.15
N LEU A 149 -27.64 -17.22 -18.57
CA LEU A 149 -28.26 -18.16 -17.64
C LEU A 149 -27.37 -18.37 -16.41
N ILE A 150 -26.05 -18.35 -16.60
CA ILE A 150 -25.16 -18.54 -15.46
C ILE A 150 -25.16 -17.27 -14.62
N ALA A 151 -25.16 -16.12 -15.28
CA ALA A 151 -25.20 -14.84 -14.61
C ALA A 151 -26.43 -14.74 -13.71
N GLU A 152 -27.59 -15.20 -14.21
CA GLU A 152 -28.85 -15.18 -13.47
C GLU A 152 -28.98 -16.26 -12.41
N GLY A 153 -28.12 -17.28 -12.44
CA GLY A 153 -28.26 -18.40 -11.53
C GLY A 153 -29.21 -19.50 -11.96
N THR A 154 -29.74 -19.44 -13.18
CA THR A 154 -30.54 -20.55 -13.70
C THR A 154 -29.67 -21.77 -13.94
N LEU A 155 -28.45 -21.57 -14.42
CA LEU A 155 -27.44 -22.61 -14.50
C LEU A 155 -26.34 -22.28 -13.51
N SER A 156 -25.79 -23.30 -12.88
CA SER A 156 -24.68 -23.09 -11.96
C SER A 156 -23.36 -23.02 -12.72
N MSE A 157 -22.34 -22.50 -12.08
CA MSE A 157 -21.05 -22.52 -12.73
C MSE A 157 -20.60 -23.95 -13.05
O MSE A 157 -19.95 -24.18 -14.05
CB MSE A 157 -20.01 -21.85 -11.86
CG MSE A 157 -18.78 -21.58 -12.65
SE MSE A 157 -17.31 -21.24 -11.48
CE MSE A 157 -15.86 -21.78 -12.72
H MSE A 157 -22.37 -22.15 -11.29
HA MSE A 157 -21.12 -22.02 -13.56
HB2 MSE A 157 -20.35 -21.00 -11.53
HB3 MSE A 157 -19.77 -22.43 -11.12
HG2 MSE A 157 -18.56 -22.35 -13.20
HG3 MSE A 157 -18.92 -20.80 -13.22
HE1 MSE A 157 -15.00 -21.63 -12.28
HE2 MSE A 157 -15.96 -22.71 -12.94
HE3 MSE A 157 -15.92 -21.23 -13.52
N GLY A 158 -20.96 -24.92 -12.21
CA GLY A 158 -20.62 -26.29 -12.52
C GLY A 158 -21.28 -26.80 -13.80
N HIS A 159 -22.55 -26.45 -14.00
CA HIS A 159 -23.18 -26.76 -15.29
C HIS A 159 -22.36 -26.17 -16.42
N GLY A 160 -21.96 -24.90 -16.25
CA GLY A 160 -21.21 -24.22 -17.29
C GLY A 160 -19.96 -25.00 -17.67
N ARG A 161 -19.14 -25.32 -16.68
CA ARG A 161 -17.94 -26.13 -16.92
C ARG A 161 -18.28 -27.41 -17.66
N THR A 162 -19.31 -28.13 -17.20
CA THR A 162 -19.63 -29.44 -17.76
C THR A 162 -20.02 -29.33 -19.23
N LEU A 163 -20.77 -28.27 -19.57
CA LEU A 163 -21.22 -28.04 -20.95
C LEU A 163 -20.04 -27.82 -21.87
N LEU A 164 -18.90 -27.36 -21.34
CA LEU A 164 -17.70 -27.21 -22.15
C LEU A 164 -17.24 -28.58 -22.67
N GLY A 165 -17.54 -29.65 -21.92
CA GLY A 165 -17.14 -30.99 -22.34
C GLY A 165 -17.89 -31.52 -23.54
N LEU A 166 -18.94 -30.85 -23.99
CA LEU A 166 -19.75 -31.32 -25.10
C LEU A 166 -19.00 -31.17 -26.42
N LYS A 167 -18.85 -32.28 -27.15
CA LYS A 167 -18.13 -32.26 -28.42
C LYS A 167 -18.94 -31.56 -29.52
N ASN A 168 -20.16 -32.03 -29.77
CA ASN A 168 -20.98 -31.47 -30.86
C ASN A 168 -21.74 -30.27 -30.33
N LYS A 169 -21.31 -29.06 -30.70
CA LYS A 169 -21.94 -27.85 -30.18
C LYS A 169 -23.35 -27.66 -30.71
N ASN A 170 -23.77 -28.40 -31.73
CA ASN A 170 -25.13 -28.30 -32.23
C ASN A 170 -26.14 -28.85 -31.23
N LYS A 171 -25.70 -29.65 -30.29
CA LYS A 171 -26.59 -30.24 -29.30
C LYS A 171 -26.69 -29.39 -28.04
N LEU A 172 -26.05 -28.23 -28.02
CA LEU A 172 -25.93 -27.45 -26.79
C LEU A 172 -27.28 -26.89 -26.37
N GLU A 173 -27.99 -26.24 -27.28
CA GLU A 173 -29.25 -25.61 -26.91
C GLU A 173 -30.30 -26.62 -26.48
N PRO A 174 -30.57 -27.69 -27.23
CA PRO A 174 -31.49 -28.72 -26.71
C PRO A 174 -31.06 -29.32 -25.38
N LEU A 175 -29.76 -29.54 -25.19
CA LEU A 175 -29.29 -30.09 -23.93
C LEU A 175 -29.58 -29.14 -22.76
N VAL A 176 -29.28 -27.87 -22.94
CA VAL A 176 -29.56 -26.90 -21.88
C VAL A 176 -31.07 -26.85 -21.58
N GLN A 177 -31.92 -26.83 -22.61
CA GLN A 177 -33.36 -26.86 -22.37
C GLN A 177 -33.77 -28.05 -21.50
N LYS A 178 -33.14 -29.21 -21.73
CA LYS A 178 -33.41 -30.38 -20.91
C LYS A 178 -32.90 -30.20 -19.48
N VAL A 179 -31.68 -29.69 -19.32
CA VAL A 179 -31.16 -29.46 -17.99
C VAL A 179 -32.12 -28.61 -17.17
N ILE A 180 -32.61 -27.51 -17.76
CA ILE A 180 -33.44 -26.55 -17.03
C ILE A 180 -34.83 -27.14 -16.76
N ALA A 181 -35.49 -27.69 -17.78
CA ALA A 181 -36.84 -28.21 -17.56
C ALA A 181 -36.86 -29.32 -16.51
N GLU A 182 -35.84 -30.20 -16.52
CA GLU A 182 -35.81 -31.34 -15.61
C GLU A 182 -34.97 -31.09 -14.36
N GLN A 183 -34.38 -29.91 -14.24
CA GLN A 183 -33.63 -29.50 -13.04
C GLN A 183 -32.49 -30.48 -12.72
N LEU A 184 -31.79 -30.90 -13.76
CA LEU A 184 -30.71 -31.87 -13.63
C LEU A 184 -29.50 -31.25 -12.91
N ASN A 185 -28.79 -32.10 -12.17
CA ASN A 185 -27.59 -31.65 -11.50
C ASN A 185 -26.36 -31.91 -12.36
N VAL A 186 -25.21 -31.49 -11.86
CA VAL A 186 -23.99 -31.59 -12.66
C VAL A 186 -23.69 -33.03 -13.04
N ARG A 187 -23.85 -33.96 -12.11
CA ARG A 187 -23.53 -35.35 -12.42
C ARG A 187 -24.42 -35.88 -13.54
N GLN A 188 -25.71 -35.58 -13.49
CA GLN A 188 -26.62 -36.05 -14.53
C GLN A 188 -26.31 -35.40 -15.87
N LEU A 189 -25.86 -34.14 -15.87
CA LEU A 189 -25.44 -33.53 -17.12
C LEU A 189 -24.17 -34.20 -17.65
N GLU A 190 -23.22 -34.51 -16.76
CA GLU A 190 -22.02 -35.24 -17.18
C GLU A 190 -22.41 -36.52 -17.91
N GLN A 191 -23.36 -37.29 -17.35
CA GLN A 191 -23.75 -38.54 -17.97
C GLN A 191 -24.39 -38.31 -19.33
N LEU A 192 -25.24 -37.29 -19.45
CA LEU A 192 -25.84 -37.02 -20.76
C LEU A 192 -24.78 -36.65 -21.78
N ILE A 193 -23.79 -35.86 -21.35
CA ILE A 193 -22.72 -35.51 -22.26
C ILE A 193 -21.85 -36.72 -22.56
N GLN A 194 -21.54 -37.53 -21.54
CA GLN A 194 -20.86 -38.81 -21.75
C GLN A 194 -21.48 -39.55 -22.94
N GLN A 195 -22.82 -39.68 -22.92
CA GLN A 195 -23.52 -40.44 -23.97
C GLN A 195 -23.50 -39.71 -25.30
N LEU A 196 -23.77 -38.40 -25.31
CA LEU A 196 -23.77 -37.65 -26.55
C LEU A 196 -22.41 -37.68 -27.23
N ASN A 197 -21.33 -37.78 -26.44
CA ASN A 197 -19.99 -37.71 -27.02
C ASN A 197 -19.57 -39.03 -27.64
N GLN A 198 -20.20 -40.14 -27.26
CA GLN A 198 -19.96 -41.45 -27.85
C GLN A 198 -20.71 -41.65 -29.16
N ASN A 199 -20.75 -40.64 -30.02
CA ASN A 199 -21.44 -40.75 -31.30
C ASN A 199 -22.92 -41.10 -31.10
N MSE B 1 -3.24 7.89 11.06
CA MSE B 1 -4.56 7.42 11.48
C MSE B 1 -5.69 7.87 10.54
O MSE B 1 -5.90 9.04 10.36
CB MSE B 1 -4.81 7.93 12.90
CG MSE B 1 -6.12 7.55 13.53
SE MSE B 1 -6.38 8.80 15.07
CE MSE B 1 -7.35 7.61 16.26
HA MSE B 1 -4.58 6.45 11.46
HB2 MSE B 1 -4.11 7.58 13.46
HB3 MSE B 1 -4.78 8.90 12.87
HG2 MSE B 1 -6.84 7.66 12.89
HG3 MSE B 1 -6.09 6.63 13.85
HE1 MSE B 1 -8.00 8.13 16.76
HE2 MSE B 1 -7.81 6.94 15.73
HE3 MSE B 1 -6.73 7.18 16.87
N GLU B 2 -6.44 6.93 9.96
CA GLU B 2 -7.54 7.23 9.06
C GLU B 2 -8.76 7.62 9.85
N THR B 3 -9.65 8.37 9.19
CA THR B 3 -10.93 8.75 9.74
C THR B 3 -12.07 8.34 8.81
N VAL B 4 -13.24 8.17 9.41
CA VAL B 4 -14.47 7.96 8.64
C VAL B 4 -15.09 9.32 8.41
N GLU B 5 -15.20 9.72 7.15
CA GLU B 5 -15.81 11.00 6.77
C GLU B 5 -17.25 10.81 6.31
N GLU B 6 -18.08 11.82 6.54
CA GLU B 6 -19.42 11.83 5.98
C GLU B 6 -19.36 12.55 4.63
N ILE B 7 -19.54 11.82 3.54
CA ILE B 7 -19.42 12.35 2.18
C ILE B 7 -20.80 12.61 1.62
N LYS B 8 -21.03 13.82 1.08
CA LYS B 8 -22.33 14.11 0.52
C LYS B 8 -22.60 13.23 -0.68
N ILE B 9 -23.83 12.75 -0.77
CA ILE B 9 -24.24 11.92 -1.90
C ILE B 9 -24.05 12.64 -3.23
N ALA B 10 -24.32 13.95 -3.25
CA ALA B 10 -24.12 14.73 -4.47
C ALA B 10 -22.65 14.77 -4.91
N ASP B 11 -21.70 14.47 -4.03
CA ASP B 11 -20.30 14.50 -4.42
C ASP B 11 -19.74 13.13 -4.84
N LEU B 12 -20.56 12.08 -4.84
CA LEU B 12 -20.05 10.74 -5.12
C LEU B 12 -20.23 10.38 -6.60
N ARG B 13 -19.24 9.67 -7.14
CA ARG B 13 -19.23 9.31 -8.55
C ARG B 13 -19.17 7.79 -8.65
N PRO B 14 -19.61 7.23 -9.76
CA PRO B 14 -19.63 5.76 -9.87
C PRO B 14 -18.25 5.15 -9.72
N ASN B 15 -18.24 3.88 -9.35
CA ASN B 15 -16.99 3.11 -9.38
C ASN B 15 -16.56 2.94 -10.83
N PRO B 16 -15.44 3.51 -11.24
CA PRO B 16 -15.02 3.36 -12.65
C PRO B 16 -14.69 1.93 -13.04
N TYR B 17 -14.50 1.04 -12.07
CA TYR B 17 -14.13 -0.35 -12.32
C TYR B 17 -15.15 -1.31 -11.72
N GLN B 18 -16.39 -0.84 -11.58
CA GLN B 18 -17.54 -1.59 -11.05
C GLN B 18 -17.59 -3.00 -11.62
N PRO B 19 -17.38 -4.04 -10.81
CA PRO B 19 -17.52 -5.41 -11.35
C PRO B 19 -18.96 -5.89 -11.38
N ARG B 20 -19.87 -5.27 -10.62
CA ARG B 20 -21.26 -5.71 -10.65
C ARG B 20 -21.92 -5.15 -11.91
N LYS B 21 -22.61 -6.02 -12.64
CA LYS B 21 -23.26 -5.64 -13.87
C LYS B 21 -24.77 -5.57 -13.72
N HIS B 22 -25.31 -6.05 -12.61
CA HIS B 22 -26.74 -6.04 -12.37
C HIS B 22 -26.97 -5.62 -10.92
N PHE B 23 -27.91 -4.70 -10.71
CA PHE B 23 -28.28 -4.29 -9.36
C PHE B 23 -29.74 -4.68 -9.14
N ASP B 24 -29.93 -5.73 -8.34
CA ASP B 24 -31.25 -6.30 -8.13
C ASP B 24 -32.07 -5.35 -7.28
N ASP B 25 -33.24 -4.94 -7.78
CA ASP B 25 -34.07 -3.98 -7.05
C ASP B 25 -34.56 -4.54 -5.72
N GLU B 26 -34.93 -5.83 -5.68
CA GLU B 26 -35.35 -6.45 -4.44
C GLU B 26 -34.25 -6.43 -3.39
N ALA B 27 -33.02 -6.77 -3.79
CA ALA B 27 -31.91 -6.79 -2.84
C ALA B 27 -31.58 -5.38 -2.38
N LEU B 28 -31.67 -4.39 -3.28
CA LEU B 28 -31.46 -3.01 -2.85
C LEU B 28 -32.52 -2.54 -1.86
N ALA B 29 -33.75 -3.03 -2.00
CA ALA B 29 -34.79 -2.65 -1.06
C ALA B 29 -34.50 -3.23 0.32
N GLU B 30 -33.96 -4.46 0.35
CA GLU B 30 -33.52 -5.03 1.61
C GLU B 30 -32.44 -4.17 2.26
N LEU B 31 -31.48 -3.71 1.45
CA LEU B 31 -30.39 -2.94 2.00
C LEU B 31 -30.90 -1.59 2.48
N LYS B 32 -31.77 -0.95 1.68
CA LYS B 32 -32.47 0.25 2.10
C LYS B 32 -33.12 0.09 3.46
N GLU B 33 -33.92 -0.97 3.61
CA GLU B 33 -34.57 -1.23 4.89
C GLU B 33 -33.56 -1.39 6.01
N SER B 34 -32.47 -2.12 5.79
CA SER B 34 -31.46 -2.25 6.83
C SER B 34 -30.83 -0.88 7.18
N VAL B 35 -30.61 -0.04 6.17
CA VAL B 35 -30.04 1.28 6.43
C VAL B 35 -31.02 2.13 7.23
N LEU B 36 -32.31 1.99 6.96
CA LEU B 36 -33.29 2.72 7.77
C LEU B 36 -33.30 2.22 9.20
N GLN B 37 -32.92 0.96 9.44
CA GLN B 37 -32.93 0.43 10.78
C GLN B 37 -31.65 0.75 11.56
N HIS B 38 -30.49 0.66 10.88
CA HIS B 38 -29.21 0.72 11.55
C HIS B 38 -28.28 1.79 11.01
N GLY B 39 -28.68 2.51 9.97
CA GLY B 39 -27.74 3.35 9.26
C GLY B 39 -26.79 2.46 8.44
N ILE B 40 -25.85 3.12 7.77
CA ILE B 40 -24.79 2.39 7.08
C ILE B 40 -23.76 1.95 8.11
N LEU B 41 -23.64 0.62 8.30
CA LEU B 41 -22.74 0.10 9.33
C LEU B 41 -21.27 0.07 8.89
N GLN B 42 -21.01 -0.08 7.60
CA GLN B 42 -19.68 -0.30 7.04
C GLN B 42 -19.30 0.90 6.20
N PRO B 43 -18.27 1.65 6.56
CA PRO B 43 -17.87 2.78 5.70
C PRO B 43 -17.49 2.31 4.30
N LEU B 44 -17.89 3.13 3.33
CA LEU B 44 -17.47 2.99 1.96
C LEU B 44 -15.97 3.27 1.86
N ILE B 45 -15.37 2.76 0.80
CA ILE B 45 -14.03 3.16 0.40
C ILE B 45 -14.19 4.03 -0.85
N VAL B 46 -13.61 5.24 -0.79
CA VAL B 46 -13.72 6.19 -1.90
C VAL B 46 -12.36 6.84 -2.13
N ARG B 47 -12.21 7.40 -3.32
CA ARG B 47 -10.96 8.05 -3.73
C ARG B 47 -11.30 9.43 -4.27
N LYS B 48 -10.67 10.46 -3.72
CA LYS B 48 -10.97 11.83 -4.10
C LYS B 48 -10.41 12.12 -5.49
N SER B 49 -11.27 12.64 -6.37
CA SER B 49 -10.90 12.99 -7.73
C SER B 49 -11.15 14.48 -7.95
N LEU B 50 -10.75 14.96 -9.13
CA LEU B 50 -10.97 16.37 -9.46
C LEU B 50 -12.45 16.74 -9.30
N LYS B 51 -13.34 15.89 -9.84
CA LYS B 51 -14.76 16.19 -9.88
C LYS B 51 -15.52 15.82 -8.60
N GLY B 52 -14.95 14.98 -7.73
CA GLY B 52 -15.62 14.59 -6.51
C GLY B 52 -14.95 13.43 -5.82
N TYR B 53 -15.72 12.36 -5.53
CA TYR B 53 -15.21 11.15 -4.91
C TYR B 53 -15.70 9.95 -5.72
N ASP B 54 -14.75 9.17 -6.26
CA ASP B 54 -15.08 7.93 -6.92
C ASP B 54 -15.23 6.82 -5.91
N ILE B 55 -16.27 6.02 -6.07
CA ILE B 55 -16.51 4.90 -5.15
C ILE B 55 -15.56 3.80 -5.56
N VAL B 56 -14.84 3.23 -4.60
CA VAL B 56 -14.05 2.03 -4.79
C VAL B 56 -14.76 0.80 -4.25
N ALA B 57 -15.46 0.98 -3.15
CA ALA B 57 -16.33 -0.05 -2.58
C ALA B 57 -17.54 0.65 -1.96
N GLY B 58 -18.74 0.33 -2.45
CA GLY B 58 -19.94 0.83 -1.81
C GLY B 58 -21.09 1.31 -2.66
N GLU B 59 -21.14 0.88 -3.91
CA GLU B 59 -22.17 1.38 -4.81
C GLU B 59 -23.56 1.00 -4.34
N ARG B 60 -23.74 -0.24 -3.83
CA ARG B 60 -25.07 -0.62 -3.36
C ARG B 60 -25.49 0.23 -2.14
N ARG B 61 -24.58 0.36 -1.17
CA ARG B 61 -24.81 1.22 -0.01
C ARG B 61 -25.20 2.61 -0.44
N PHE B 62 -24.52 3.14 -1.46
CA PHE B 62 -24.84 4.48 -1.97
C PHE B 62 -26.27 4.54 -2.49
N ARG B 63 -26.65 3.55 -3.31
CA ARG B 63 -28.00 3.53 -3.84
C ARG B 63 -29.03 3.35 -2.74
N ALA B 64 -28.72 2.50 -1.74
CA ALA B 64 -29.60 2.32 -0.59
C ALA B 64 -29.76 3.60 0.23
N ALA B 65 -28.64 4.31 0.47
CA ALA B 65 -28.71 5.57 1.20
C ALA B 65 -29.65 6.56 0.52
N LYS B 66 -29.55 6.65 -0.81
CA LYS B 66 -30.44 7.56 -1.55
C LYS B 66 -31.89 7.12 -1.40
N LEU B 67 -32.17 5.83 -1.58
CA LEU B 67 -33.52 5.33 -1.36
C LEU B 67 -34.01 5.65 0.04
N ALA B 68 -33.11 5.65 1.02
CA ALA B 68 -33.51 5.82 2.41
C ALA B 68 -33.67 7.29 2.79
N GLY B 69 -33.34 8.21 1.89
CA GLY B 69 -33.43 9.63 2.16
C GLY B 69 -32.22 10.22 2.84
N LEU B 70 -31.09 9.51 2.88
CA LEU B 70 -29.91 10.10 3.51
C LEU B 70 -29.19 11.03 2.54
N ASP B 71 -28.58 12.09 3.07
CA ASP B 71 -27.83 13.02 2.25
C ASP B 71 -26.32 12.84 2.29
N THR B 72 -25.80 11.94 3.15
CA THR B 72 -24.38 11.63 3.22
C THR B 72 -24.21 10.12 3.47
N VAL B 73 -23.02 9.60 3.16
CA VAL B 73 -22.65 8.25 3.56
C VAL B 73 -21.31 8.31 4.29
N PRO B 74 -21.06 7.40 5.21
CA PRO B 74 -19.72 7.34 5.82
C PRO B 74 -18.73 6.65 4.88
N ALA B 75 -17.52 7.21 4.82
CA ALA B 75 -16.54 6.72 3.88
C ALA B 75 -15.13 6.97 4.41
N ILE B 76 -14.24 6.06 4.08
CA ILE B 76 -12.79 6.24 4.25
C ILE B 76 -12.20 6.68 2.92
N VAL B 77 -11.57 7.84 2.90
CA VAL B 77 -11.01 8.43 1.69
C VAL B 77 -9.54 8.05 1.60
N ARG B 78 -9.18 7.36 0.54
CA ARG B 78 -7.82 6.88 0.34
C ARG B 78 -7.28 7.35 -0.99
N GLU B 79 -5.98 7.62 -1.02
CA GLU B 79 -5.24 7.85 -2.28
C GLU B 79 -4.83 6.49 -2.83
N LEU B 80 -5.22 6.22 -4.06
CA LEU B 80 -5.04 4.91 -4.66
C LEU B 80 -4.69 5.06 -6.13
N SER B 81 -3.70 4.27 -6.57
CA SER B 81 -3.42 4.17 -8.00
C SER B 81 -4.58 3.51 -8.71
N GLU B 82 -4.63 3.72 -10.03
CA GLU B 82 -5.64 3.06 -10.85
C GLU B 82 -5.58 1.55 -10.66
N ALA B 83 -4.37 1.00 -10.58
CA ALA B 83 -4.22 -0.44 -10.45
C ALA B 83 -4.81 -0.94 -9.14
N LEU B 84 -4.55 -0.22 -8.05
CA LEU B 84 -5.12 -0.61 -6.77
C LEU B 84 -6.64 -0.50 -6.79
N MSE B 85 -7.17 0.56 -7.39
CA MSE B 85 -8.61 0.73 -7.52
C MSE B 85 -9.24 -0.44 -8.28
O MSE B 85 -10.27 -0.95 -7.91
CB MSE B 85 -8.96 2.06 -8.22
CG MSE B 85 -8.63 3.27 -7.38
SE MSE B 85 -9.07 4.86 -8.44
CE MSE B 85 -11.01 4.64 -8.37
H MSE B 85 -6.72 1.20 -7.74
HA MSE B 85 -9.00 0.78 -6.63
HB2 MSE B 85 -8.45 2.12 -9.05
HB3 MSE B 85 -9.91 2.07 -8.41
HG2 MSE B 85 -9.16 3.27 -6.57
HG3 MSE B 85 -7.69 3.29 -7.17
HE1 MSE B 85 -11.43 5.37 -8.84
HE2 MSE B 85 -11.25 3.79 -8.80
HE3 MSE B 85 -11.30 4.64 -7.45
N ARG B 86 -8.57 -0.89 -9.36
CA ARG B 86 -9.08 -2.04 -10.12
C ARG B 86 -9.08 -3.30 -9.26
N GLU B 87 -7.99 -3.52 -8.52
CA GLU B 87 -7.89 -4.72 -7.69
C GLU B 87 -8.90 -4.70 -6.56
N ILE B 88 -8.97 -3.60 -5.82
CA ILE B 88 -9.79 -3.53 -4.62
C ILE B 88 -11.27 -3.57 -4.99
N ALA B 89 -11.65 -2.97 -6.13
CA ALA B 89 -13.03 -3.06 -6.59
C ALA B 89 -13.49 -4.51 -6.62
N LEU B 90 -12.59 -5.44 -7.02
CA LEU B 90 -12.93 -6.85 -7.01
C LEU B 90 -12.75 -7.47 -5.62
N LEU B 91 -11.60 -7.24 -4.99
CA LEU B 91 -11.23 -7.96 -3.77
C LEU B 91 -12.19 -7.72 -2.61
N GLU B 92 -12.69 -6.49 -2.47
CA GLU B 92 -13.60 -6.24 -1.38
C GLU B 92 -14.81 -7.18 -1.43
N ASN B 93 -15.20 -7.62 -2.63
CA ASN B 93 -16.33 -8.52 -2.81
C ASN B 93 -15.90 -9.97 -2.87
N LEU B 94 -14.70 -10.21 -3.39
CA LEU B 94 -14.27 -11.58 -3.69
C LEU B 94 -13.78 -12.30 -2.44
N GLN B 95 -13.00 -11.61 -1.62
CA GLN B 95 -12.35 -12.22 -0.46
C GLN B 95 -13.27 -12.09 0.76
N ARG B 96 -14.41 -12.77 0.67
CA ARG B 96 -15.31 -12.90 1.80
C ARG B 96 -16.12 -14.18 1.64
N GLU B 97 -16.58 -14.71 2.77
CA GLU B 97 -17.37 -15.93 2.82
C GLU B 97 -18.75 -15.63 3.40
N ASP B 98 -19.79 -16.00 2.70
CA ASP B 98 -21.09 -15.82 3.28
C ASP B 98 -21.35 -16.92 4.32
N LEU B 99 -22.38 -16.67 5.13
CA LEU B 99 -22.86 -17.64 6.09
C LEU B 99 -23.70 -18.68 5.38
N SER B 100 -23.62 -19.91 5.84
CA SER B 100 -24.42 -20.97 5.28
C SER B 100 -25.90 -20.79 5.62
N PRO B 101 -26.78 -21.47 4.87
CA PRO B 101 -28.21 -21.43 5.20
C PRO B 101 -28.50 -21.77 6.65
N LEU B 102 -27.78 -22.75 7.21
CA LEU B 102 -28.05 -23.15 8.58
C LEU B 102 -27.47 -22.18 9.60
N GLU B 103 -26.31 -21.59 9.31
CA GLU B 103 -25.78 -20.56 10.20
C GLU B 103 -26.70 -19.35 10.24
N GLU B 104 -27.31 -19.01 9.10
CA GLU B 104 -28.29 -17.94 9.02
C GLU B 104 -29.52 -18.28 9.85
N ALA B 105 -30.06 -19.49 9.68
CA ALA B 105 -31.24 -19.91 10.42
C ALA B 105 -30.98 -19.92 11.91
N GLN B 106 -29.82 -20.43 12.33
CA GLN B 106 -29.49 -20.44 13.75
C GLN B 106 -29.37 -19.02 14.27
N ALA B 107 -28.90 -18.10 13.42
CA ALA B 107 -28.79 -16.71 13.84
C ALA B 107 -30.17 -16.08 14.05
N TYR B 108 -31.09 -16.32 13.13
CA TYR B 108 -32.45 -15.84 13.30
C TYR B 108 -33.03 -16.36 14.61
N ASP B 109 -32.81 -17.65 14.87
CA ASP B 109 -33.37 -18.28 16.06
C ASP B 109 -32.76 -17.70 17.31
N SER B 110 -31.45 -17.45 17.29
CA SER B 110 -30.83 -16.82 18.45
C SER B 110 -31.35 -15.41 18.67
N LEU B 111 -31.58 -14.65 17.60
CA LEU B 111 -32.09 -13.28 17.77
C LEU B 111 -33.55 -13.26 18.24
N LEU B 112 -34.38 -14.15 17.72
CA LEU B 112 -35.74 -14.27 18.24
C LEU B 112 -35.71 -14.40 19.76
N LYS B 113 -34.85 -15.28 20.28
CA LYS B 113 -34.84 -15.52 21.72
C LYS B 113 -34.24 -14.35 22.48
N HIS B 114 -33.03 -13.92 22.11
CA HIS B 114 -32.32 -12.95 22.93
C HIS B 114 -32.78 -11.51 22.73
N LEU B 115 -33.45 -11.20 21.63
CA LEU B 115 -34.04 -9.89 21.44
C LEU B 115 -35.52 -9.90 21.80
N ASP B 116 -36.09 -11.07 22.07
CA ASP B 116 -37.48 -11.20 22.47
C ASP B 116 -38.43 -10.63 21.42
N LEU B 117 -38.34 -11.20 20.22
CA LEU B 117 -39.07 -10.68 19.08
C LEU B 117 -39.85 -11.78 18.38
N THR B 118 -40.93 -11.37 17.73
CA THR B 118 -41.61 -12.24 16.79
C THR B 118 -40.86 -12.28 15.46
N GLN B 119 -41.18 -13.27 14.64
CA GLN B 119 -40.57 -13.38 13.31
C GLN B 119 -40.86 -12.14 12.47
N GLU B 120 -42.09 -11.61 12.58
CA GLU B 120 -42.46 -10.40 11.87
C GLU B 120 -41.60 -9.22 12.33
N GLN B 121 -41.35 -9.14 13.64
CA GLN B 121 -40.56 -8.07 14.18
C GLN B 121 -39.09 -8.21 13.78
N LEU B 122 -38.62 -9.44 13.73
CA LEU B 122 -37.24 -9.68 13.33
C LEU B 122 -37.03 -9.37 11.86
N ALA B 123 -37.98 -9.75 11.00
CA ALA B 123 -37.86 -9.44 9.59
C ALA B 123 -37.76 -7.93 9.38
N LYS B 124 -38.56 -7.17 10.11
CA LYS B 124 -38.51 -5.73 10.00
C LYS B 124 -37.15 -5.19 10.42
N ARG B 125 -36.68 -5.66 11.57
CA ARG B 125 -35.44 -5.17 12.14
C ARG B 125 -34.25 -5.50 11.25
N LEU B 126 -34.27 -6.66 10.60
CA LEU B 126 -33.14 -7.10 9.78
C LEU B 126 -33.21 -6.68 8.33
N GLY B 127 -34.34 -6.17 7.87
CA GLY B 127 -34.51 -5.83 6.46
C GLY B 127 -34.65 -7.05 5.55
N LYS B 128 -35.25 -8.12 6.04
CA LYS B 128 -35.51 -9.31 5.24
C LYS B 128 -37.01 -9.54 5.21
N SER B 129 -37.47 -10.32 4.24
CA SER B 129 -38.90 -10.62 4.17
C SER B 129 -39.27 -11.66 5.23
N ARG B 130 -40.55 -11.68 5.58
CA ARG B 130 -41.06 -12.59 6.59
C ARG B 130 -40.98 -14.04 6.09
N PRO B 131 -41.24 -14.28 4.80
CA PRO B 131 -41.04 -15.64 4.27
C PRO B 131 -39.59 -16.09 4.29
N HIS B 132 -38.66 -15.19 4.02
CA HIS B 132 -37.25 -15.55 4.05
C HIS B 132 -36.83 -16.03 5.43
N ILE B 133 -37.27 -15.32 6.49
CA ILE B 133 -36.93 -15.71 7.85
C ILE B 133 -37.62 -17.02 8.22
N ALA B 134 -38.88 -17.18 7.82
CA ALA B 134 -39.65 -18.36 8.20
C ALA B 134 -39.11 -19.60 7.50
N ASN B 135 -38.76 -19.49 6.21
CA ASN B 135 -38.22 -20.65 5.50
C ASN B 135 -36.90 -21.12 6.10
N HIS B 136 -36.05 -20.19 6.51
CA HIS B 136 -34.79 -20.56 7.16
C HIS B 136 -35.04 -21.19 8.53
N LEU B 137 -35.94 -20.63 9.34
CA LEU B 137 -36.20 -21.23 10.64
C LEU B 137 -36.80 -22.63 10.52
N ARG B 138 -37.54 -22.90 9.44
CA ARG B 138 -38.12 -24.22 9.25
C ARG B 138 -37.05 -25.30 9.13
N LEU B 139 -35.91 -24.97 8.50
CA LEU B 139 -34.81 -25.93 8.41
C LEU B 139 -34.40 -26.48 9.78
N LEU B 140 -34.63 -25.72 10.84
CA LEU B 140 -34.26 -26.16 12.19
C LEU B 140 -35.24 -27.19 12.76
N THR B 141 -36.33 -27.46 12.08
CA THR B 141 -37.26 -28.50 12.52
C THR B 141 -36.95 -29.85 11.88
N LEU B 142 -35.94 -29.91 10.99
CA LEU B 142 -35.52 -31.19 10.43
C LEU B 142 -34.71 -31.98 11.44
N PRO B 143 -34.71 -33.32 11.34
CA PRO B 143 -33.85 -34.12 12.21
C PRO B 143 -32.42 -33.61 12.25
N GLU B 144 -31.79 -33.77 13.40
CA GLU B 144 -30.44 -33.30 13.62
C GLU B 144 -29.47 -33.84 12.58
N ASN B 145 -29.57 -35.13 12.26
CA ASN B 145 -28.63 -35.74 11.32
C ASN B 145 -28.74 -35.09 9.95
N ILE B 146 -29.97 -34.81 9.52
CA ILE B 146 -30.18 -34.17 8.22
C ILE B 146 -29.63 -32.75 8.22
N GLN B 147 -29.80 -32.00 9.32
CA GLN B 147 -29.13 -30.69 9.42
C GLN B 147 -27.62 -30.85 9.26
N GLN B 148 -27.04 -31.84 9.93
CA GLN B 148 -25.61 -32.11 9.76
C GLN B 148 -25.28 -32.38 8.30
N LEU B 149 -26.06 -33.22 7.63
CA LEU B 149 -25.79 -33.54 6.23
C LEU B 149 -25.80 -32.28 5.39
N ILE B 150 -26.74 -31.37 5.66
CA ILE B 150 -26.82 -30.13 4.90
C ILE B 150 -25.59 -29.28 5.14
N ALA B 151 -25.21 -29.09 6.40
CA ALA B 151 -24.01 -28.33 6.72
C ALA B 151 -22.78 -28.92 6.04
N GLU B 152 -22.57 -30.23 6.17
CA GLU B 152 -21.43 -30.88 5.53
C GLU B 152 -21.46 -30.75 4.01
N GLY B 153 -22.57 -30.29 3.45
CA GLY B 153 -22.71 -30.23 2.00
C GLY B 153 -23.15 -31.53 1.36
N THR B 154 -23.30 -32.60 2.14
CA THR B 154 -23.78 -33.87 1.60
C THR B 154 -25.21 -33.77 1.09
N LEU B 155 -25.98 -32.80 1.58
CA LEU B 155 -27.28 -32.47 1.04
C LEU B 155 -27.34 -30.98 0.74
N SER B 156 -28.03 -30.61 -0.32
CA SER B 156 -28.26 -29.19 -0.61
C SER B 156 -29.37 -28.66 0.29
N MSE B 157 -29.43 -27.33 0.41
CA MSE B 157 -30.50 -26.70 1.20
C MSE B 157 -31.81 -26.92 0.46
O MSE B 157 -32.86 -26.98 1.09
CB MSE B 157 -30.28 -25.20 1.43
CG MSE B 157 -31.50 -24.49 2.08
SE MSE B 157 -31.85 -22.62 1.52
CE MSE B 157 -33.24 -22.08 2.82
H MSE B 157 -28.88 -26.78 0.04
HA MSE B 157 -30.50 -27.09 2.09
HB2 MSE B 157 -29.52 -25.08 2.02
HB3 MSE B 157 -30.10 -24.77 0.57
HG2 MSE B 157 -32.30 -25.01 1.86
HG3 MSE B 157 -31.37 -24.49 3.04
HE1 MSE B 157 -33.62 -21.24 2.51
HE2 MSE B 157 -33.91 -22.76 2.86
HE3 MSE B 157 -32.83 -21.96 3.69
N GLY B 158 -31.75 -26.98 -0.87
CA GLY B 158 -32.96 -27.23 -1.65
C GLY B 158 -33.56 -28.58 -1.35
N HIS B 159 -32.73 -29.59 -1.19
CA HIS B 159 -33.22 -30.87 -0.70
C HIS B 159 -33.86 -30.70 0.68
N GLY B 160 -33.20 -29.95 1.57
CA GLY B 160 -33.74 -29.75 2.90
C GLY B 160 -35.13 -29.16 2.87
N ARG B 161 -35.31 -28.10 2.10
CA ARG B 161 -36.62 -27.47 1.98
C ARG B 161 -37.64 -28.47 1.47
N THR B 162 -37.29 -29.24 0.44
CA THR B 162 -38.22 -30.19 -0.15
C THR B 162 -38.63 -31.27 0.86
N LEU B 163 -37.70 -31.68 1.74
CA LEU B 163 -37.99 -32.73 2.72
C LEU B 163 -39.06 -32.29 3.71
N LEU B 164 -39.15 -30.98 3.97
CA LEU B 164 -40.20 -30.47 4.85
C LEU B 164 -41.59 -30.83 4.35
N GLY B 165 -41.75 -31.07 3.05
CA GLY B 165 -43.04 -31.39 2.49
C GLY B 165 -43.51 -32.81 2.69
N LEU B 166 -42.68 -33.69 3.26
CA LEU B 166 -43.04 -35.09 3.45
C LEU B 166 -44.07 -35.21 4.58
N LYS B 167 -45.22 -35.83 4.28
CA LYS B 167 -46.24 -36.07 5.30
C LYS B 167 -45.76 -37.14 6.28
N ASN B 168 -45.59 -38.37 5.80
CA ASN B 168 -45.24 -39.49 6.68
C ASN B 168 -43.74 -39.47 6.94
N LYS B 169 -43.35 -39.00 8.12
CA LYS B 169 -41.94 -38.97 8.45
C LYS B 169 -41.31 -40.36 8.58
N ASN B 170 -42.11 -41.43 8.60
CA ASN B 170 -41.49 -42.76 8.66
C ASN B 170 -40.54 -42.98 7.47
N LYS B 171 -40.83 -42.37 6.32
CA LYS B 171 -39.98 -42.53 5.14
C LYS B 171 -38.90 -41.46 5.00
N LEU B 172 -38.78 -40.55 5.98
CA LEU B 172 -37.84 -39.43 5.83
C LEU B 172 -36.41 -39.93 5.71
N GLU B 173 -35.93 -40.70 6.69
CA GLU B 173 -34.53 -41.12 6.72
C GLU B 173 -34.19 -42.09 5.59
N PRO B 174 -35.05 -43.05 5.25
CA PRO B 174 -34.77 -43.84 4.03
C PRO B 174 -34.75 -42.97 2.78
N LEU B 175 -35.59 -41.93 2.72
CA LEU B 175 -35.59 -41.05 1.56
C LEU B 175 -34.26 -40.31 1.43
N VAL B 176 -33.70 -39.82 2.55
CA VAL B 176 -32.44 -39.11 2.49
C VAL B 176 -31.33 -40.04 2.05
N GLN B 177 -31.33 -41.28 2.56
CA GLN B 177 -30.28 -42.22 2.16
C GLN B 177 -30.35 -42.50 0.68
N LYS B 178 -31.57 -42.61 0.13
CA LYS B 178 -31.74 -42.81 -1.31
C LYS B 178 -31.21 -41.61 -2.09
N VAL B 179 -31.61 -40.40 -1.68
CA VAL B 179 -31.13 -39.18 -2.35
C VAL B 179 -29.62 -39.20 -2.43
N ILE B 180 -28.95 -39.48 -1.30
CA ILE B 180 -27.49 -39.45 -1.26
C ILE B 180 -26.92 -40.58 -2.10
N ALA B 181 -27.40 -41.82 -1.90
CA ALA B 181 -26.81 -42.97 -2.59
C ALA B 181 -27.01 -42.88 -4.10
N GLU B 182 -28.11 -42.29 -4.53
CA GLU B 182 -28.43 -42.18 -5.95
C GLU B 182 -28.15 -40.79 -6.50
N GLN B 183 -27.68 -39.86 -5.65
CA GLN B 183 -27.37 -38.50 -6.09
C GLN B 183 -28.55 -37.90 -6.87
N LEU B 184 -29.72 -37.96 -6.26
CA LEU B 184 -30.94 -37.45 -6.86
C LEU B 184 -30.94 -35.92 -6.81
N ASN B 185 -31.59 -35.29 -7.79
CA ASN B 185 -31.75 -33.85 -7.78
C ASN B 185 -33.02 -33.48 -7.02
N VAL B 186 -33.25 -32.17 -6.82
CA VAL B 186 -34.36 -31.72 -6.01
C VAL B 186 -35.69 -32.07 -6.67
N ARG B 187 -35.76 -32.02 -8.00
CA ARG B 187 -37.00 -32.32 -8.69
C ARG B 187 -37.37 -33.79 -8.53
N GLN B 188 -36.40 -34.68 -8.67
CA GLN B 188 -36.66 -36.09 -8.42
C GLN B 188 -37.16 -36.30 -6.99
N LEU B 189 -36.59 -35.57 -6.03
CA LEU B 189 -37.05 -35.74 -4.65
C LEU B 189 -38.47 -35.21 -4.48
N GLU B 190 -38.79 -34.07 -5.09
CA GLU B 190 -40.16 -33.56 -5.05
C GLU B 190 -41.14 -34.63 -5.50
N GLN B 191 -40.80 -35.32 -6.60
CA GLN B 191 -41.69 -36.32 -7.19
C GLN B 191 -41.84 -37.54 -6.30
N LEU B 192 -40.75 -37.99 -5.68
CA LEU B 192 -40.86 -39.10 -4.74
C LEU B 192 -41.72 -38.72 -3.54
N ILE B 193 -41.55 -37.50 -3.02
CA ILE B 193 -42.25 -37.09 -1.81
C ILE B 193 -43.74 -36.92 -2.07
N GLN B 194 -44.10 -36.64 -3.32
CA GLN B 194 -45.52 -36.46 -3.63
C GLN B 194 -46.25 -37.79 -3.59
N GLN B 195 -45.64 -38.83 -4.16
CA GLN B 195 -46.24 -40.15 -4.11
C GLN B 195 -46.28 -40.69 -2.69
N LEU B 196 -45.14 -40.68 -2.00
CA LEU B 196 -45.13 -41.11 -0.60
C LEU B 196 -46.24 -40.43 0.18
N ASN B 197 -46.37 -39.11 0.02
CA ASN B 197 -47.42 -38.37 0.71
C ASN B 197 -48.81 -38.87 0.31
N GLN B 198 -48.96 -39.34 -0.93
CA GLN B 198 -50.24 -39.82 -1.44
C GLN B 198 -50.22 -41.32 -1.74
N MSE C 1 26.57 42.26 -11.45
CA MSE C 1 26.44 41.45 -10.22
C MSE C 1 25.06 40.77 -10.21
O MSE C 1 24.09 41.33 -10.74
CB MSE C 1 26.58 42.30 -8.96
CG MSE C 1 27.98 42.77 -8.57
SE MSE C 1 29.54 41.77 -9.26
CE MSE C 1 30.96 42.97 -8.64
HA MSE C 1 27.15 40.80 -10.21
HB2 MSE C 1 26.03 43.10 -9.07
HB3 MSE C 1 26.24 41.78 -8.21
HG2 MSE C 1 28.08 43.68 -8.89
HG3 MSE C 1 28.05 42.75 -7.61
HE1 MSE C 1 31.81 42.62 -8.93
HE2 MSE C 1 30.81 43.85 -9.01
HE3 MSE C 1 30.94 43.00 -7.67
N GLU C 2 24.97 39.60 -9.57
CA GLU C 2 23.69 38.93 -9.41
C GLU C 2 22.95 39.48 -8.20
N THR C 3 21.63 39.43 -8.29
CA THR C 3 20.73 39.93 -7.26
C THR C 3 19.78 38.83 -6.81
N VAL C 4 19.58 38.72 -5.51
CA VAL C 4 18.49 37.90 -4.99
C VAL C 4 17.25 38.79 -4.94
N GLU C 5 16.23 38.47 -5.75
CA GLU C 5 15.00 39.25 -5.74
C GLU C 5 13.86 38.37 -5.25
N GLU C 6 12.81 38.99 -4.72
CA GLU C 6 11.63 38.20 -4.33
C GLU C 6 10.77 38.02 -5.58
N ILE C 7 10.47 36.76 -5.90
CA ILE C 7 9.66 36.43 -7.04
C ILE C 7 8.34 35.89 -6.51
N LYS C 8 7.23 36.36 -7.07
CA LYS C 8 5.93 35.91 -6.62
C LYS C 8 5.72 34.43 -6.93
N ILE C 9 5.20 33.70 -5.92
CA ILE C 9 4.75 32.32 -6.10
C ILE C 9 3.91 32.18 -7.36
N ALA C 10 2.99 33.12 -7.57
CA ALA C 10 2.10 33.00 -8.71
C ALA C 10 2.83 33.11 -10.05
N ASP C 11 4.04 33.66 -10.06
CA ASP C 11 4.79 33.80 -11.30
C ASP C 11 5.76 32.66 -11.57
N LEU C 12 5.87 31.68 -10.67
CA LEU C 12 6.80 30.56 -10.85
C LEU C 12 6.12 29.37 -11.50
N ARG C 13 6.89 28.67 -12.34
CA ARG C 13 6.45 27.47 -13.02
C ARG C 13 7.35 26.30 -12.66
N PRO C 14 6.84 25.08 -12.76
CA PRO C 14 7.66 23.91 -12.43
C PRO C 14 8.94 23.82 -13.26
N ASN C 15 9.93 23.15 -12.69
CA ASN C 15 11.18 22.83 -13.38
C ASN C 15 10.86 21.91 -14.56
N PRO C 16 11.05 22.38 -15.79
CA PRO C 16 10.76 21.53 -16.96
C PRO C 16 11.62 20.30 -17.02
N TYR C 17 12.77 20.29 -16.36
CA TYR C 17 13.69 19.15 -16.38
C TYR C 17 13.83 18.53 -15.00
N GLN C 18 12.77 18.62 -14.22
CA GLN C 18 12.68 18.11 -12.86
C GLN C 18 13.18 16.66 -12.78
N PRO C 19 14.32 16.40 -12.13
CA PRO C 19 14.78 15.00 -12.01
C PRO C 19 14.08 14.26 -10.88
N ARG C 20 13.52 14.98 -9.90
CA ARG C 20 12.85 14.35 -8.77
C ARG C 20 11.49 13.87 -9.23
N LYS C 21 11.24 12.56 -9.05
CA LYS C 21 9.96 12.00 -9.45
C LYS C 21 8.99 11.88 -8.29
N HIS C 22 9.48 11.87 -7.05
CA HIS C 22 8.63 11.71 -5.88
C HIS C 22 8.87 12.86 -4.91
N PHE C 23 7.81 13.56 -4.54
CA PHE C 23 7.85 14.61 -3.52
C PHE C 23 7.17 14.04 -2.26
N ASP C 24 7.96 13.63 -1.29
CA ASP C 24 7.42 13.00 -0.08
C ASP C 24 6.73 14.07 0.77
N ASP C 25 5.48 13.82 1.18
CA ASP C 25 4.69 14.81 1.90
C ASP C 25 5.30 15.15 3.27
N GLU C 26 5.80 14.13 3.97
CA GLU C 26 6.44 14.35 5.27
C GLU C 26 7.68 15.22 5.14
N ALA C 27 8.49 14.99 4.11
CA ALA C 27 9.69 15.82 3.92
C ALA C 27 9.33 17.24 3.53
N LEU C 28 8.26 17.43 2.74
CA LEU C 28 7.79 18.79 2.48
C LEU C 28 7.27 19.49 3.74
N ALA C 29 6.59 18.76 4.63
CA ALA C 29 6.14 19.34 5.89
C ALA C 29 7.32 19.75 6.77
N GLU C 30 8.39 18.96 6.76
CA GLU C 30 9.63 19.33 7.43
C GLU C 30 10.18 20.64 6.87
N LEU C 31 10.22 20.76 5.54
CA LEU C 31 10.76 21.95 4.92
C LEU C 31 9.85 23.15 5.19
N LYS C 32 8.53 22.95 5.14
CA LYS C 32 7.58 23.99 5.49
C LYS C 32 7.79 24.47 6.92
N GLU C 33 7.89 23.54 7.87
CA GLU C 33 8.22 23.94 9.24
C GLU C 33 9.50 24.74 9.34
N SER C 34 10.53 24.36 8.58
CA SER C 34 11.79 25.09 8.64
C SER C 34 11.67 26.47 8.02
N VAL C 35 10.90 26.58 6.92
CA VAL C 35 10.67 27.91 6.32
C VAL C 35 9.90 28.80 7.30
N LEU C 36 8.97 28.22 8.06
CA LEU C 36 8.27 29.01 9.07
C LEU C 36 9.20 29.47 10.20
N GLN C 37 10.24 28.71 10.52
CA GLN C 37 11.17 29.09 11.56
C GLN C 37 12.18 30.12 11.10
N HIS C 38 12.72 29.92 9.90
CA HIS C 38 13.91 30.62 9.43
C HIS C 38 13.75 31.34 8.09
N GLY C 39 12.62 31.22 7.44
CA GLY C 39 12.50 31.70 6.08
C GLY C 39 13.21 30.74 5.16
N ILE C 40 13.14 31.05 3.86
CA ILE C 40 13.96 30.39 2.84
C ILE C 40 15.38 30.91 2.99
N LEU C 41 16.31 30.05 3.40
CA LEU C 41 17.71 30.40 3.61
C LEU C 41 18.52 30.42 2.31
N GLN C 42 18.09 29.67 1.31
CA GLN C 42 18.85 29.44 0.09
C GLN C 42 18.06 29.91 -1.12
N PRO C 43 18.51 30.95 -1.81
CA PRO C 43 17.75 31.45 -2.96
C PRO C 43 17.58 30.39 -4.04
N LEU C 44 16.39 30.38 -4.64
CA LEU C 44 16.15 29.57 -5.80
C LEU C 44 16.91 30.10 -7.01
N ILE C 45 17.11 29.21 -7.99
CA ILE C 45 17.58 29.58 -9.32
C ILE C 45 16.41 29.47 -10.28
N VAL C 46 16.15 30.54 -11.03
CA VAL C 46 15.02 30.56 -11.96
C VAL C 46 15.49 31.21 -13.26
N ARG C 47 14.68 31.01 -14.30
CA ARG C 47 14.94 31.55 -15.64
C ARG C 47 13.63 32.15 -16.17
N LYS C 48 13.67 33.39 -16.63
CA LYS C 48 12.48 34.02 -17.19
C LYS C 48 12.06 33.33 -18.48
N SER C 49 10.77 33.00 -18.57
CA SER C 49 10.23 32.39 -19.78
C SER C 49 9.03 33.20 -20.25
N LEU C 50 8.25 32.65 -21.20
CA LEU C 50 7.11 33.37 -21.75
C LEU C 50 6.13 33.73 -20.65
N LYS C 51 5.64 32.71 -19.93
CA LYS C 51 4.86 32.90 -18.71
C LYS C 51 5.80 32.84 -17.51
N GLY C 52 6.06 33.99 -16.90
CA GLY C 52 6.72 34.01 -15.60
C GLY C 52 8.14 33.49 -15.62
N TYR C 53 8.45 32.61 -14.65
CA TYR C 53 9.80 32.11 -14.44
C TYR C 53 9.76 30.61 -14.25
N ASP C 54 10.63 29.90 -14.95
CA ASP C 54 10.77 28.46 -14.74
C ASP C 54 11.77 28.20 -13.61
N ILE C 55 11.41 27.30 -12.70
CA ILE C 55 12.36 26.93 -11.67
C ILE C 55 13.46 26.03 -12.27
N VAL C 56 14.70 26.38 -12.01
CA VAL C 56 15.87 25.56 -12.31
C VAL C 56 16.36 24.80 -11.08
N ALA C 57 16.27 25.40 -9.90
CA ALA C 57 16.58 24.74 -8.63
C ALA C 57 15.64 25.36 -7.60
N GLY C 58 14.83 24.52 -6.96
CA GLY C 58 13.98 24.99 -5.87
C GLY C 58 12.54 24.59 -5.85
N GLU C 59 12.15 23.51 -6.53
CA GLU C 59 10.75 23.13 -6.54
C GLU C 59 10.23 22.74 -5.15
N ARG C 60 11.06 22.08 -4.31
CA ARG C 60 10.58 21.77 -2.97
C ARG C 60 10.42 23.05 -2.13
N ARG C 61 11.41 23.93 -2.19
CA ARG C 61 11.27 25.23 -1.52
C ARG C 61 10.01 25.98 -1.96
N PHE C 62 9.71 25.96 -3.25
CA PHE C 62 8.51 26.60 -3.78
C PHE C 62 7.26 25.99 -3.18
N ARG C 63 7.19 24.67 -3.10
CA ARG C 63 6.02 24.02 -2.51
C ARG C 63 5.92 24.29 -1.02
N ALA C 64 7.07 24.33 -0.34
CA ALA C 64 7.07 24.58 1.09
C ALA C 64 6.62 26.01 1.39
N ALA C 65 7.07 26.97 0.58
CA ALA C 65 6.69 28.36 0.76
C ALA C 65 5.18 28.51 0.62
N LYS C 66 4.60 27.85 -0.38
CA LYS C 66 3.16 27.86 -0.57
C LYS C 66 2.47 27.31 0.66
N LEU C 67 2.95 26.17 1.18
CA LEU C 67 2.36 25.58 2.38
C LEU C 67 2.48 26.49 3.58
N ALA C 68 3.58 27.22 3.66
CA ALA C 68 3.82 28.13 4.77
C ALA C 68 3.04 29.43 4.65
N GLY C 69 2.35 29.71 3.55
CA GLY C 69 1.62 30.95 3.38
C GLY C 69 2.44 32.12 2.85
N LEU C 70 3.63 31.87 2.35
CA LEU C 70 4.42 32.97 1.79
C LEU C 70 3.97 33.25 0.35
N ASP C 71 4.00 34.53 -0.05
CA ASP C 71 3.56 34.89 -1.39
C ASP C 71 4.69 35.12 -2.38
N THR C 72 5.94 35.19 -1.88
CA THR C 72 7.15 35.27 -2.69
C THR C 72 8.21 34.30 -2.16
N VAL C 73 9.17 33.96 -3.04
CA VAL C 73 10.41 33.32 -2.62
C VAL C 73 11.62 34.12 -3.09
N PRO C 74 12.76 34.03 -2.39
CA PRO C 74 13.98 34.69 -2.89
C PRO C 74 14.58 33.87 -4.02
N ALA C 75 14.99 34.55 -5.08
CA ALA C 75 15.53 33.83 -6.23
C ALA C 75 16.57 34.67 -6.96
N ILE C 76 17.47 33.98 -7.64
CA ILE C 76 18.41 34.57 -8.58
C ILE C 76 17.94 34.19 -9.98
N VAL C 77 17.64 35.20 -10.79
CA VAL C 77 17.19 35.00 -12.16
C VAL C 77 18.42 34.94 -13.04
N ARG C 78 18.55 33.86 -13.80
CA ARG C 78 19.67 33.67 -14.72
C ARG C 78 19.20 33.40 -16.14
N GLU C 79 20.05 33.74 -17.10
CA GLU C 79 19.78 33.47 -18.51
C GLU C 79 20.53 32.19 -18.84
N LEU C 80 19.80 31.17 -19.28
CA LEU C 80 20.36 29.84 -19.37
C LEU C 80 19.87 29.14 -20.61
N SER C 81 20.80 28.54 -21.36
CA SER C 81 20.39 27.69 -22.45
C SER C 81 19.63 26.49 -21.93
N GLU C 82 18.91 25.82 -22.83
CA GLU C 82 18.22 24.60 -22.44
C GLU C 82 19.21 23.56 -21.94
N ALA C 83 20.39 23.46 -22.58
CA ALA C 83 21.39 22.51 -22.14
C ALA C 83 21.84 22.79 -20.72
N LEU C 84 22.08 24.07 -20.39
CA LEU C 84 22.54 24.42 -19.04
C LEU C 84 21.47 24.17 -18.00
N MSE C 85 20.20 24.42 -18.34
CA MSE C 85 19.10 24.18 -17.43
C MSE C 85 18.99 22.69 -17.07
O MSE C 85 18.77 22.31 -15.92
CB MSE C 85 17.79 24.67 -18.02
CG MSE C 85 17.63 26.25 -18.09
SE MSE C 85 15.85 26.62 -18.89
CE MSE C 85 14.76 26.09 -17.34
H MSE C 85 19.96 24.74 -19.10
HA MSE C 85 19.26 24.69 -16.60
HB2 MSE C 85 17.71 24.33 -18.93
HB3 MSE C 85 17.05 24.33 -17.49
HG2 MSE C 85 17.67 26.63 -17.21
HG3 MSE C 85 18.32 26.62 -18.65
HE1 MSE C 85 13.83 26.28 -17.53
HE2 MSE C 85 14.87 25.14 -17.19
HE3 MSE C 85 15.05 26.59 -16.57
N ARG C 86 19.10 21.85 -18.09
CA ARG C 86 19.15 20.40 -17.87
C ARG C 86 20.30 20.00 -16.96
N GLU C 87 21.49 20.50 -17.23
CA GLU C 87 22.65 20.12 -16.43
C GLU C 87 22.49 20.61 -14.98
N ILE C 88 22.05 21.86 -14.78
CA ILE C 88 21.97 22.41 -13.43
C ILE C 88 20.86 21.77 -12.63
N ALA C 89 19.77 21.40 -13.30
CA ALA C 89 18.68 20.71 -12.64
C ALA C 89 19.17 19.47 -11.90
N LEU C 90 20.16 18.77 -12.50
CA LEU C 90 20.78 17.62 -11.85
C LEU C 90 21.90 18.04 -10.90
N LEU C 91 22.84 18.89 -11.38
CA LEU C 91 24.06 19.16 -10.62
C LEU C 91 23.81 19.76 -9.25
N GLU C 92 22.80 20.64 -9.13
CA GLU C 92 22.58 21.34 -7.87
C GLU C 92 22.27 20.35 -6.76
N ASN C 93 21.70 19.19 -7.14
CA ASN C 93 21.34 18.09 -6.24
C ASN C 93 22.46 17.04 -6.15
N LEU C 94 23.15 16.83 -7.25
CA LEU C 94 24.11 15.74 -7.37
C LEU C 94 25.43 16.05 -6.70
N GLN C 95 25.94 17.25 -6.92
CA GLN C 95 27.25 17.65 -6.39
C GLN C 95 27.11 18.23 -4.98
N ARG C 96 26.66 17.37 -4.06
CA ARG C 96 26.63 17.71 -2.66
C ARG C 96 26.70 16.44 -1.84
N GLU C 97 27.12 16.60 -0.60
CA GLU C 97 27.37 15.46 0.29
C GLU C 97 26.47 15.57 1.51
N ASP C 98 25.69 14.56 1.77
CA ASP C 98 24.81 14.46 2.92
C ASP C 98 25.68 14.33 4.18
N LEU C 99 25.16 14.84 5.28
CA LEU C 99 25.79 14.57 6.57
C LEU C 99 25.52 13.14 7.00
N SER C 100 26.48 12.51 7.67
CA SER C 100 26.26 11.18 8.18
C SER C 100 25.27 11.20 9.36
N PRO C 101 24.68 10.06 9.69
CA PRO C 101 23.81 10.01 10.88
C PRO C 101 24.48 10.44 12.15
N LEU C 102 25.77 10.14 12.29
CA LEU C 102 26.53 10.55 13.46
C LEU C 102 26.81 12.05 13.45
N GLU C 103 27.17 12.60 12.28
CA GLU C 103 27.32 14.04 12.17
C GLU C 103 26.02 14.76 12.54
N GLU C 104 24.90 14.27 12.03
CA GLU C 104 23.60 14.85 12.37
C GLU C 104 23.34 14.76 13.88
N ALA C 105 23.61 13.61 14.48
CA ALA C 105 23.34 13.44 15.90
C ALA C 105 24.22 14.35 16.73
N GLN C 106 25.52 14.42 16.40
CA GLN C 106 26.42 15.31 17.12
C GLN C 106 25.94 16.76 17.03
N ALA C 107 25.36 17.15 15.89
CA ALA C 107 24.91 18.54 15.76
C ALA C 107 23.69 18.80 16.63
N TYR C 108 22.74 17.86 16.69
CA TYR C 108 21.60 18.00 17.59
C TYR C 108 22.09 18.20 19.03
N ASP C 109 22.99 17.34 19.47
CA ASP C 109 23.55 17.40 20.81
C ASP C 109 24.19 18.76 21.06
N SER C 110 24.98 19.24 20.10
CA SER C 110 25.60 20.56 20.19
C SER C 110 24.56 21.67 20.30
N LEU C 111 23.50 21.61 19.49
CA LEU C 111 22.49 22.66 19.55
C LEU C 111 21.69 22.61 20.85
N LEU C 112 21.39 21.41 21.36
CA LEU C 112 20.68 21.34 22.65
C LEU C 112 21.45 22.09 23.73
N LYS C 113 22.77 21.91 23.76
CA LYS C 113 23.59 22.55 24.78
C LYS C 113 23.74 24.05 24.53
N HIS C 114 24.14 24.43 23.32
CA HIS C 114 24.47 25.83 23.12
C HIS C 114 23.27 26.73 22.97
N LEU C 115 22.11 26.19 22.59
CA LEU C 115 20.89 26.97 22.53
C LEU C 115 20.05 26.82 23.80
N ASP C 116 20.47 25.95 24.72
CA ASP C 116 19.77 25.66 25.96
C ASP C 116 18.32 25.27 25.70
N LEU C 117 18.17 24.20 24.92
CA LEU C 117 16.84 23.75 24.53
C LEU C 117 16.61 22.31 24.92
N THR C 118 15.34 22.00 25.18
CA THR C 118 14.81 20.66 25.27
C THR C 118 14.71 20.06 23.85
N GLN C 119 14.57 18.74 23.81
CA GLN C 119 14.41 18.05 22.54
C GLN C 119 13.15 18.51 21.81
N GLU C 120 12.06 18.70 22.55
CA GLU C 120 10.81 19.14 21.94
C GLU C 120 10.97 20.52 21.33
N GLN C 121 11.70 21.40 22.02
CA GLN C 121 11.96 22.72 21.50
C GLN C 121 12.88 22.67 20.30
N LEU C 122 13.87 21.78 20.32
CA LEU C 122 14.82 21.68 19.22
C LEU C 122 14.13 21.13 17.98
N ALA C 123 13.31 20.09 18.16
CA ALA C 123 12.49 19.57 17.07
C ALA C 123 11.70 20.68 16.38
N LYS C 124 10.99 21.52 17.16
CA LYS C 124 10.19 22.58 16.57
C LYS C 124 11.06 23.61 15.85
N ARG C 125 12.22 23.94 16.42
CA ARG C 125 13.09 24.94 15.82
C ARG C 125 13.70 24.46 14.50
N LEU C 126 14.01 23.17 14.39
CA LEU C 126 14.69 22.62 13.23
C LEU C 126 13.75 22.03 12.18
N GLY C 127 12.47 21.87 12.50
CA GLY C 127 11.50 21.30 11.56
C GLY C 127 11.60 19.79 11.42
N LYS C 128 11.95 19.10 12.50
CA LYS C 128 12.11 17.65 12.48
C LYS C 128 11.23 17.09 13.59
N SER C 129 10.84 15.83 13.47
CA SER C 129 9.99 15.27 14.51
C SER C 129 10.82 14.96 15.77
N ARG C 130 10.12 14.92 16.89
CA ARG C 130 10.77 14.58 18.17
C ARG C 130 11.37 13.18 18.13
N PRO C 131 10.69 12.16 17.64
CA PRO C 131 11.37 10.86 17.54
C PRO C 131 12.60 10.85 16.64
N HIS C 132 12.58 11.61 15.54
CA HIS C 132 13.76 11.68 14.69
C HIS C 132 14.97 12.18 15.47
N ILE C 133 14.79 13.27 16.23
CA ILE C 133 15.87 13.79 17.06
C ILE C 133 16.29 12.76 18.11
N ALA C 134 15.32 12.15 18.77
CA ALA C 134 15.61 11.23 19.86
C ALA C 134 16.37 10.01 19.35
N ASN C 135 15.95 9.49 18.19
CA ASN C 135 16.63 8.34 17.62
C ASN C 135 18.08 8.64 17.28
N HIS C 136 18.35 9.86 16.82
CA HIS C 136 19.72 10.24 16.50
C HIS C 136 20.54 10.47 17.77
N LEU C 137 19.98 11.13 18.79
CA LEU C 137 20.73 11.31 20.04
C LEU C 137 21.08 9.97 20.69
N ARG C 138 20.20 8.97 20.53
CA ARG C 138 20.43 7.63 21.02
C ARG C 138 21.65 6.98 20.38
N LEU C 139 21.97 7.37 19.14
CA LEU C 139 23.16 6.86 18.51
C LEU C 139 24.41 7.17 19.32
N LEU C 140 24.44 8.31 20.00
CA LEU C 140 25.59 8.75 20.75
C LEU C 140 25.82 7.94 22.02
N THR C 141 24.91 7.07 22.39
CA THR C 141 25.11 6.16 23.53
C THR C 141 25.54 4.76 23.10
N LEU C 142 25.62 4.49 21.82
CA LEU C 142 26.07 3.19 21.37
C LEU C 142 27.59 3.09 21.47
N PRO C 143 28.11 1.86 21.49
CA PRO C 143 29.58 1.70 21.44
C PRO C 143 30.15 2.46 20.26
N GLU C 144 31.37 2.99 20.46
CA GLU C 144 32.05 3.77 19.44
C GLU C 144 32.13 3.04 18.11
N ASN C 145 32.46 1.74 18.14
CA ASN C 145 32.63 0.99 16.90
C ASN C 145 31.30 0.88 16.15
N ILE C 146 30.20 0.69 16.88
CA ILE C 146 28.89 0.69 16.26
C ILE C 146 28.58 2.07 15.68
N GLN C 147 28.91 3.14 16.42
CA GLN C 147 28.66 4.49 15.88
C GLN C 147 29.35 4.69 14.55
N GLN C 148 30.62 4.30 14.46
CA GLN C 148 31.38 4.46 13.22
C GLN C 148 30.80 3.60 12.12
N LEU C 149 30.37 2.37 12.43
CA LEU C 149 29.81 1.50 11.40
C LEU C 149 28.50 2.07 10.85
N ILE C 150 27.70 2.67 11.72
CA ILE C 150 26.49 3.34 11.25
C ILE C 150 26.85 4.59 10.47
N ALA C 151 27.86 5.34 10.95
CA ALA C 151 28.27 6.56 10.26
C ALA C 151 28.66 6.25 8.83
N GLU C 152 29.32 5.12 8.59
CA GLU C 152 29.87 4.75 7.30
C GLU C 152 28.90 4.02 6.39
N GLY C 153 27.74 3.65 6.91
CA GLY C 153 26.74 2.95 6.15
C GLY C 153 26.87 1.44 6.11
N THR C 154 27.79 0.88 6.88
CA THR C 154 27.89 -0.59 6.96
C THR C 154 26.74 -1.18 7.76
N LEU C 155 26.35 -0.54 8.87
CA LEU C 155 25.14 -0.86 9.59
C LEU C 155 24.13 0.28 9.41
N SER C 156 22.85 -0.06 9.56
CA SER C 156 21.82 0.96 9.61
C SER C 156 21.45 1.35 11.03
N MSE C 157 20.73 2.47 11.15
CA MSE C 157 20.19 2.86 12.43
C MSE C 157 19.38 1.74 13.03
O MSE C 157 19.40 1.53 14.27
CB MSE C 157 19.29 4.10 12.30
CG MSE C 157 19.90 5.23 11.57
SE MSE C 157 20.70 6.44 12.84
CE MSE C 157 19.16 7.01 13.99
H MSE C 157 20.54 2.99 10.50
HA MSE C 157 20.94 3.09 13.02
HB2 MSE C 157 18.49 3.84 11.82
HB3 MSE C 157 19.06 4.41 13.19
HG2 MSE C 157 20.58 4.90 10.97
HG3 MSE C 157 19.21 5.70 11.08
HE1 MSE C 157 19.48 7.70 14.60
HE2 MSE C 157 18.46 7.37 13.42
HE3 MSE C 157 18.83 6.25 14.48
N GLY C 158 18.63 1.05 12.15
CA GLY C 158 17.83 -0.07 12.59
C GLY C 158 18.64 -1.21 13.18
N HIS C 159 19.77 -1.55 12.53
CA HIS C 159 20.70 -2.50 13.14
C HIS C 159 21.12 -2.03 14.52
N GLY C 160 21.48 -0.75 14.65
CA GLY C 160 21.90 -0.23 15.93
C GLY C 160 20.84 -0.41 17.00
N ARG C 161 19.60 -0.04 16.66
CA ARG C 161 18.50 -0.17 17.61
C ARG C 161 18.28 -1.63 17.99
N THR C 162 18.33 -2.53 17.01
CA THR C 162 18.13 -3.95 17.27
C THR C 162 19.20 -4.52 18.19
N LEU C 163 20.45 -4.10 18.02
CA LEU C 163 21.53 -4.67 18.83
C LEU C 163 21.37 -4.34 20.31
N LEU C 164 20.64 -3.29 20.68
CA LEU C 164 20.39 -3.04 22.10
C LEU C 164 19.73 -4.21 22.81
N GLY C 165 18.97 -5.04 22.10
CA GLY C 165 18.30 -6.18 22.69
C GLY C 165 19.19 -7.34 23.08
N LEU C 166 20.44 -7.36 22.62
CA LEU C 166 21.37 -8.41 23.01
C LEU C 166 21.63 -8.31 24.50
N LYS C 167 21.46 -9.42 25.20
CA LYS C 167 21.60 -9.38 26.66
C LYS C 167 23.05 -9.56 27.11
N ASN C 168 23.82 -10.44 26.47
CA ASN C 168 25.23 -10.63 26.84
C ASN C 168 26.07 -9.69 25.98
N LYS C 169 26.37 -8.51 26.54
CA LYS C 169 27.14 -7.49 25.84
C LYS C 169 28.54 -7.95 25.51
N ASN C 170 29.02 -9.02 26.14
CA ASN C 170 30.33 -9.52 25.79
C ASN C 170 30.34 -10.27 24.47
N LYS C 171 29.18 -10.65 23.94
CA LYS C 171 29.07 -11.29 22.64
C LYS C 171 28.71 -10.32 21.51
N LEU C 172 28.75 -9.01 21.75
CA LEU C 172 28.39 -8.08 20.70
C LEU C 172 29.36 -8.12 19.54
N GLU C 173 30.66 -8.23 19.82
CA GLU C 173 31.64 -8.21 18.73
C GLU C 173 31.40 -9.36 17.75
N PRO C 174 31.40 -10.62 18.16
CA PRO C 174 31.18 -11.70 17.18
C PRO C 174 29.83 -11.61 16.47
N LEU C 175 28.81 -11.06 17.14
CA LEU C 175 27.52 -10.89 16.48
C LEU C 175 27.62 -9.85 15.36
N VAL C 176 28.24 -8.71 15.64
CA VAL C 176 28.36 -7.66 14.63
C VAL C 176 29.19 -8.16 13.44
N GLN C 177 30.29 -8.87 13.72
CA GLN C 177 31.08 -9.49 12.64
C GLN C 177 30.21 -10.40 11.78
N LYS C 178 29.34 -11.19 12.42
CA LYS C 178 28.48 -12.07 11.64
C LYS C 178 27.44 -11.28 10.84
N VAL C 179 26.86 -10.23 11.42
CA VAL C 179 25.91 -9.41 10.69
C VAL C 179 26.53 -8.90 9.39
N ILE C 180 27.77 -8.43 9.48
CA ILE C 180 28.45 -7.83 8.33
C ILE C 180 28.85 -8.90 7.32
N ALA C 181 29.40 -10.01 7.79
CA ALA C 181 29.90 -11.04 6.87
C ALA C 181 28.76 -11.75 6.14
N GLU C 182 27.62 -11.92 6.78
CA GLU C 182 26.46 -12.54 6.17
C GLU C 182 25.45 -11.53 5.63
N GLN C 183 25.70 -10.23 5.84
CA GLN C 183 24.80 -9.17 5.41
C GLN C 183 23.38 -9.39 5.89
N LEU C 184 23.24 -9.68 7.16
CA LEU C 184 21.90 -9.94 7.70
C LEU C 184 21.10 -8.65 7.75
N ASN C 185 19.82 -8.77 7.51
CA ASN C 185 18.94 -7.63 7.69
C ASN C 185 18.42 -7.58 9.12
N VAL C 186 17.68 -6.52 9.43
CA VAL C 186 17.27 -6.28 10.80
C VAL C 186 16.36 -7.40 11.29
N ARG C 187 15.47 -7.88 10.45
CA ARG C 187 14.58 -8.95 10.89
C ARG C 187 15.36 -10.21 11.24
N GLN C 188 16.33 -10.58 10.40
CA GLN C 188 17.17 -11.74 10.68
C GLN C 188 18.02 -11.53 11.94
N LEU C 189 18.49 -10.30 12.16
CA LEU C 189 19.25 -10.00 13.38
C LEU C 189 18.36 -10.09 14.62
N GLU C 190 17.13 -9.58 14.52
CA GLU C 190 16.16 -9.72 15.61
C GLU C 190 15.99 -11.16 16.02
N GLN C 191 15.76 -12.05 15.05
CA GLN C 191 15.57 -13.47 15.31
C GLN C 191 16.82 -14.09 15.89
N LEU C 192 17.98 -13.70 15.39
CA LEU C 192 19.23 -14.23 15.91
C LEU C 192 19.45 -13.82 17.35
N ILE C 193 19.14 -12.56 17.70
CA ILE C 193 19.32 -12.13 19.08
C ILE C 193 18.37 -12.89 20.00
N GLN C 194 17.14 -13.16 19.53
CA GLN C 194 16.21 -13.92 20.36
C GLN C 194 16.79 -15.28 20.69
N GLN C 195 17.52 -15.90 19.75
CA GLN C 195 18.17 -17.18 19.99
C GLN C 195 19.34 -17.05 20.94
N LEU C 196 20.22 -16.05 20.71
CA LEU C 196 21.39 -15.88 21.57
C LEU C 196 20.98 -15.61 23.01
N ASN C 197 19.87 -14.92 23.20
CA ASN C 197 19.46 -14.54 24.54
C ASN C 197 18.97 -15.74 25.35
N GLN C 198 18.66 -16.86 24.71
CA GLN C 198 18.36 -18.08 25.45
C GLN C 198 19.57 -18.98 25.64
N ASN C 199 20.77 -18.46 25.40
CA ASN C 199 22.00 -19.23 25.58
C ASN C 199 22.05 -20.41 24.60
N MSE D 1 16.12 43.52 -0.97
CA MSE D 1 16.78 42.47 -1.75
C MSE D 1 18.14 42.11 -1.15
O MSE D 1 18.49 42.59 -0.07
CB MSE D 1 16.89 42.90 -3.22
CG MSE D 1 17.67 44.17 -3.51
SE MSE D 1 19.65 44.16 -3.19
CE MSE D 1 20.43 43.37 -4.75
HA MSE D 1 16.22 41.67 -1.73
HB2 MSE D 1 17.33 42.18 -3.70
HB3 MSE D 1 15.99 43.03 -3.56
HG2 MSE D 1 17.56 44.37 -4.46
HG3 MSE D 1 17.31 44.88 -2.97
HE1 MSE D 1 21.33 43.73 -4.87
HE2 MSE D 1 20.47 42.41 -4.63
HE3 MSE D 1 19.88 43.59 -5.52
N GLU D 2 18.88 41.24 -1.85
CA GLU D 2 20.23 40.84 -1.47
C GLU D 2 21.09 40.82 -2.71
N THR D 3 22.40 40.94 -2.52
CA THR D 3 23.33 41.02 -3.63
C THR D 3 24.37 39.92 -3.50
N VAL D 4 24.71 39.35 -4.65
CA VAL D 4 25.72 38.31 -4.71
C VAL D 4 27.08 38.97 -4.93
N GLU D 5 27.93 38.93 -3.93
CA GLU D 5 29.24 39.55 -3.96
C GLU D 5 30.25 38.50 -4.40
N GLU D 6 31.36 38.99 -4.91
CA GLU D 6 32.51 38.14 -5.19
C GLU D 6 33.55 38.39 -4.09
N ILE D 7 33.84 37.36 -3.33
CA ILE D 7 34.69 37.44 -2.15
C ILE D 7 35.99 36.72 -2.41
N LYS D 8 37.09 37.34 -2.01
CA LYS D 8 38.42 36.77 -2.22
C LYS D 8 38.64 35.57 -1.31
N ILE D 9 39.31 34.55 -1.86
CA ILE D 9 39.55 33.32 -1.12
C ILE D 9 40.31 33.59 0.18
N ALA D 10 41.28 34.51 0.13
CA ALA D 10 42.09 34.78 1.32
C ALA D 10 41.28 35.45 2.43
N ASP D 11 40.13 36.04 2.11
CA ASP D 11 39.30 36.69 3.12
C ASP D 11 38.26 35.75 3.73
N LEU D 12 38.21 34.50 3.32
CA LEU D 12 37.23 33.56 3.85
C LEU D 12 37.82 32.78 5.01
N ARG D 13 36.99 32.52 6.02
CA ARG D 13 37.39 31.74 7.17
C ARG D 13 36.47 30.53 7.33
N PRO D 14 36.95 29.46 7.96
CA PRO D 14 36.13 28.26 8.12
C PRO D 14 34.86 28.54 8.89
N ASN D 15 33.91 27.62 8.74
CA ASN D 15 32.64 27.70 9.48
C ASN D 15 32.94 27.42 10.94
N PRO D 16 32.70 28.37 11.85
CA PRO D 16 32.99 28.11 13.27
C PRO D 16 32.16 26.97 13.84
N TYR D 17 30.99 26.69 13.26
CA TYR D 17 30.05 25.71 13.79
C TYR D 17 29.89 24.53 12.84
N GLN D 18 30.95 24.24 12.09
CA GLN D 18 30.98 23.18 11.10
C GLN D 18 30.47 21.85 11.61
N PRO D 19 29.35 21.34 11.08
CA PRO D 19 28.89 20.02 11.52
C PRO D 19 29.60 18.87 10.83
N ARG D 20 30.23 19.12 9.69
CA ARG D 20 30.92 18.08 8.93
C ARG D 20 32.23 17.73 9.62
N LYS D 21 32.42 16.47 9.97
CA LYS D 21 33.59 16.05 10.73
C LYS D 21 34.64 15.39 9.85
N HIS D 22 34.33 15.13 8.60
CA HIS D 22 35.25 14.49 7.67
C HIS D 22 34.98 15.11 6.32
N PHE D 23 36.03 15.55 5.63
CA PHE D 23 35.93 16.04 4.25
C PHE D 23 36.61 15.00 3.35
N ASP D 24 35.79 14.21 2.65
CA ASP D 24 36.32 13.16 1.78
C ASP D 24 37.01 13.76 0.58
N ASP D 25 38.26 13.34 0.35
CA ASP D 25 39.07 13.92 -0.73
C ASP D 25 38.51 13.60 -2.12
N GLU D 26 37.96 12.39 -2.32
CA GLU D 26 37.39 12.03 -3.61
C GLU D 26 36.12 12.85 -3.91
N ALA D 27 35.28 13.07 -2.90
CA ALA D 27 34.10 13.92 -3.14
C ALA D 27 34.50 15.37 -3.41
N LEU D 28 35.57 15.86 -2.77
CA LEU D 28 36.04 17.21 -3.07
C LEU D 28 36.61 17.32 -4.49
N ALA D 29 37.27 16.26 -4.98
CA ALA D 29 37.73 16.28 -6.36
C ALA D 29 36.55 16.33 -7.33
N GLU D 30 35.44 15.66 -6.97
CA GLU D 30 34.24 15.72 -7.79
C GLU D 30 33.70 17.15 -7.85
N LEU D 31 33.60 17.77 -6.70
CA LEU D 31 33.12 19.13 -6.64
C LEU D 31 34.05 20.07 -7.40
N LYS D 32 35.37 19.92 -7.22
CA LYS D 32 36.35 20.68 -7.98
C LYS D 32 36.13 20.54 -9.46
N GLU D 33 35.97 19.31 -9.96
CA GLU D 33 35.72 19.14 -11.38
C GLU D 33 34.45 19.84 -11.81
N SER D 34 33.40 19.77 -11.00
CA SER D 34 32.16 20.45 -11.36
C SER D 34 32.37 21.96 -11.37
N VAL D 35 33.13 22.49 -10.42
CA VAL D 35 33.42 23.91 -10.39
C VAL D 35 34.22 24.29 -11.63
N LEU D 36 35.10 23.42 -12.11
CA LEU D 36 35.82 23.77 -13.34
C LEU D 36 34.89 23.74 -14.56
N GLN D 37 33.82 22.95 -14.53
CA GLN D 37 32.93 22.87 -15.68
C GLN D 37 31.91 23.99 -15.70
N HIS D 38 31.37 24.35 -14.54
CA HIS D 38 30.23 25.22 -14.45
C HIS D 38 30.43 26.46 -13.61
N GLY D 39 31.54 26.56 -12.91
CA GLY D 39 31.66 27.53 -11.84
C GLY D 39 30.88 27.08 -10.60
N ILE D 40 30.97 27.92 -9.57
CA ILE D 40 30.12 27.76 -8.40
C ILE D 40 28.72 28.22 -8.74
N LEU D 41 27.79 27.26 -8.81
CA LEU D 41 26.41 27.55 -9.20
C LEU D 41 25.59 28.18 -8.07
N GLN D 42 25.94 27.89 -6.83
CA GLN D 42 25.15 28.30 -5.68
C GLN D 42 26.00 29.20 -4.80
N PRO D 43 25.62 30.45 -4.60
CA PRO D 43 26.44 31.33 -3.77
C PRO D 43 26.59 30.79 -2.33
N LEU D 44 27.76 31.00 -1.78
CA LEU D 44 27.98 30.68 -0.37
C LEU D 44 27.22 31.69 0.48
N ILE D 45 26.98 31.33 1.74
CA ILE D 45 26.43 32.24 2.73
C ILE D 45 27.55 32.57 3.70
N VAL D 46 27.83 33.86 3.92
CA VAL D 46 28.95 34.26 4.74
C VAL D 46 28.50 35.37 5.69
N ARG D 47 29.27 35.57 6.75
CA ARG D 47 28.99 36.64 7.72
C ARG D 47 30.27 37.43 7.97
N LYS D 48 30.20 38.74 7.84
CA LYS D 48 31.40 39.56 7.97
C LYS D 48 31.89 39.56 9.42
N SER D 49 33.18 39.32 9.59
CA SER D 49 33.83 39.42 10.89
C SER D 49 34.96 40.45 10.81
N LEU D 50 35.74 40.54 11.89
CA LEU D 50 36.92 41.40 11.88
C LEU D 50 37.94 40.88 10.89
N LYS D 51 38.43 39.66 11.15
CA LYS D 51 39.48 39.06 10.33
C LYS D 51 39.03 38.60 8.96
N GLY D 52 37.78 38.86 8.55
CA GLY D 52 37.34 38.48 7.20
C GLY D 52 35.88 38.12 7.06
N TYR D 53 35.59 36.94 6.52
CA TYR D 53 34.22 36.48 6.33
C TYR D 53 34.14 35.04 6.80
N ASP D 54 33.28 34.77 7.78
CA ASP D 54 33.12 33.40 8.27
C ASP D 54 32.12 32.67 7.39
N ILE D 55 32.47 31.48 6.92
CA ILE D 55 31.51 30.71 6.14
C ILE D 55 30.38 30.20 7.06
N VAL D 56 29.15 30.47 6.65
CA VAL D 56 27.98 29.88 7.25
C VAL D 56 27.49 28.66 6.48
N ALA D 57 27.50 28.76 5.15
CA ALA D 57 27.31 27.59 4.27
C ALA D 57 28.26 27.69 3.10
N GLY D 58 29.08 26.64 2.88
CA GLY D 58 29.95 26.58 1.72
C GLY D 58 31.39 26.16 1.90
N GLU D 59 31.70 25.45 2.99
CA GLU D 59 33.08 25.09 3.26
C GLU D 59 33.62 24.14 2.18
N ARG D 60 32.78 23.19 1.72
CA ARG D 60 33.22 22.30 0.64
C ARG D 60 33.46 23.08 -0.64
N ARG D 61 32.56 24.01 -0.97
CA ARG D 61 32.73 24.81 -2.18
C ARG D 61 34.01 25.64 -2.09
N PHE D 62 34.28 26.15 -0.89
CA PHE D 62 35.50 26.91 -0.64
C PHE D 62 36.73 26.06 -0.91
N ARG D 63 36.77 24.85 -0.34
CA ARG D 63 37.92 24.00 -0.58
C ARG D 63 38.03 23.58 -2.05
N ALA D 64 36.88 23.33 -2.69
CA ALA D 64 36.90 22.97 -4.11
C ALA D 64 37.39 24.13 -4.96
N ALA D 65 37.03 25.36 -4.58
CA ALA D 65 37.47 26.55 -5.32
C ALA D 65 38.98 26.73 -5.22
N LYS D 66 39.56 26.43 -4.05
CA LYS D 66 41.01 26.44 -3.93
C LYS D 66 41.65 25.37 -4.83
N LEU D 67 41.16 24.13 -4.76
CA LEU D 67 41.71 23.09 -5.64
C LEU D 67 41.55 23.48 -7.10
N ALA D 68 40.50 24.19 -7.44
CA ALA D 68 40.29 24.62 -8.83
C ALA D 68 41.10 25.85 -9.20
N GLY D 69 41.84 26.44 -8.26
CA GLY D 69 42.64 27.62 -8.54
C GLY D 69 41.84 28.88 -8.79
N LEU D 70 40.72 29.06 -8.10
CA LEU D 70 39.95 30.26 -8.28
C LEU D 70 40.47 31.35 -7.35
N ASP D 71 40.17 32.61 -7.72
CA ASP D 71 40.56 33.75 -6.90
C ASP D 71 39.46 34.18 -5.94
N THR D 72 38.21 34.12 -6.39
CA THR D 72 37.05 34.53 -5.62
C THR D 72 35.95 33.48 -5.71
N VAL D 73 34.96 33.63 -4.83
CA VAL D 73 33.74 32.82 -4.86
C VAL D 73 32.51 33.72 -4.77
N PRO D 74 31.39 33.35 -5.36
CA PRO D 74 30.15 34.10 -5.16
C PRO D 74 29.58 33.89 -3.77
N ALA D 75 29.15 34.98 -3.12
CA ALA D 75 28.67 34.82 -1.76
C ALA D 75 27.64 35.90 -1.43
N ILE D 76 26.69 35.51 -0.58
CA ILE D 76 25.70 36.41 -0.01
C ILE D 76 26.14 36.66 1.42
N VAL D 77 26.36 37.92 1.76
CA VAL D 77 26.84 38.32 3.07
C VAL D 77 25.66 38.71 3.93
N ARG D 78 25.55 38.10 5.10
CA ARG D 78 24.40 38.27 5.98
C ARG D 78 24.84 38.60 7.40
N GLU D 79 24.04 39.45 8.06
CA GLU D 79 24.21 39.68 9.49
C GLU D 79 23.43 38.62 10.25
N LEU D 80 24.13 37.86 11.12
CA LEU D 80 23.50 36.76 11.81
C LEU D 80 24.06 36.65 13.21
N SER D 81 23.16 36.45 14.19
CA SER D 81 23.60 36.12 15.54
C SER D 81 24.33 34.79 15.56
N GLU D 82 25.09 34.56 16.63
CA GLU D 82 25.74 33.26 16.82
C GLU D 82 24.71 32.12 16.81
N ALA D 83 23.56 32.33 17.46
CA ALA D 83 22.55 31.28 17.49
C ALA D 83 22.10 30.89 16.09
N LEU D 84 21.78 31.89 15.27
CA LEU D 84 21.35 31.64 13.89
C LEU D 84 22.46 30.95 13.11
N MSE D 85 23.72 31.34 13.33
CA MSE D 85 24.83 30.71 12.65
C MSE D 85 24.92 29.25 12.99
O MSE D 85 25.19 28.43 12.12
CB MSE D 85 26.15 31.38 12.99
CG MSE D 85 26.11 32.85 12.74
SE MSE D 85 27.87 33.71 12.62
CE MSE D 85 28.96 33.19 14.08
H MSE D 85 23.94 31.97 13.88
HA MSE D 85 24.68 30.84 11.70
HB2 MSE D 85 26.35 31.23 13.93
HB3 MSE D 85 26.86 30.99 12.44
HG2 MSE D 85 25.66 33.01 11.90
HG3 MSE D 85 25.63 33.28 13.46
HE1 MSE D 85 29.89 33.32 13.84
HE2 MSE D 85 28.74 33.75 14.85
HE3 MSE D 85 28.79 32.26 14.30
N ARG D 86 24.70 28.93 14.26
CA ARG D 86 24.77 27.53 14.70
C ARG D 86 23.64 26.74 14.07
N GLU D 87 22.45 27.33 13.99
CA GLU D 87 21.31 26.62 13.44
C GLU D 87 21.46 26.42 11.95
N ILE D 88 21.83 27.47 11.22
CA ILE D 88 21.88 27.43 9.77
C ILE D 88 23.01 26.51 9.31
N ALA D 89 24.12 26.50 10.05
CA ALA D 89 25.20 25.59 9.71
C ALA D 89 24.72 24.14 9.61
N LEU D 90 23.77 23.75 10.47
CA LEU D 90 23.14 22.44 10.34
C LEU D 90 22.06 22.45 9.26
N LEU D 91 21.14 23.42 9.32
CA LEU D 91 19.89 23.36 8.58
C LEU D 91 20.07 23.40 7.09
N GLU D 92 21.09 24.14 6.61
CA GLU D 92 21.28 24.24 5.18
C GLU D 92 21.57 22.85 4.60
N ASN D 93 22.15 21.97 5.44
CA ASN D 93 22.47 20.61 5.02
C ASN D 93 21.38 19.61 5.33
N LEU D 94 20.67 19.83 6.45
CA LEU D 94 19.72 18.87 6.99
C LEU D 94 18.42 18.90 6.23
N GLN D 95 17.92 20.10 5.89
CA GLN D 95 16.61 20.29 5.30
C GLN D 95 16.71 20.23 3.78
N ARG D 96 17.08 19.05 3.29
CA ARG D 96 17.13 18.82 1.87
C ARG D 96 17.03 17.33 1.64
N GLU D 97 16.64 16.95 0.43
CA GLU D 97 16.39 15.56 0.07
C GLU D 97 17.20 15.19 -1.16
N ASP D 98 18.06 14.20 -1.03
CA ASP D 98 18.85 13.81 -2.21
C ASP D 98 17.96 13.09 -3.20
N LEU D 99 18.39 13.05 -4.46
CA LEU D 99 17.76 12.20 -5.48
C LEU D 99 18.06 10.74 -5.19
N SER D 100 17.14 9.89 -5.53
CA SER D 100 17.38 8.47 -5.36
C SER D 100 18.31 7.95 -6.45
N PRO D 101 18.85 6.76 -6.27
CA PRO D 101 19.69 6.18 -7.34
C PRO D 101 18.99 6.07 -8.68
N LEU D 102 17.73 5.66 -8.71
CA LEU D 102 17.01 5.57 -9.98
C LEU D 102 16.73 6.95 -10.57
N GLU D 103 16.42 7.94 -9.74
CA GLU D 103 16.26 9.29 -10.30
C GLU D 103 17.56 9.79 -10.89
N GLU D 104 18.67 9.58 -10.19
CA GLU D 104 19.98 9.94 -10.72
C GLU D 104 20.25 9.21 -12.03
N ALA D 105 19.91 7.92 -12.09
CA ALA D 105 20.17 7.15 -13.32
C ALA D 105 19.33 7.67 -14.49
N GLN D 106 18.04 7.92 -14.24
CA GLN D 106 17.18 8.50 -15.28
C GLN D 106 17.68 9.85 -15.76
N ALA D 107 18.17 10.68 -14.84
CA ALA D 107 18.74 11.97 -15.21
C ALA D 107 19.97 11.79 -16.09
N TYR D 108 20.85 10.85 -15.74
CA TYR D 108 21.99 10.57 -16.62
C TYR D 108 21.54 10.18 -18.02
N ASP D 109 20.54 9.29 -18.12
CA ASP D 109 20.10 8.82 -19.43
C ASP D 109 19.50 9.95 -20.26
N SER D 110 18.72 10.82 -19.62
CA SER D 110 18.19 11.99 -20.31
C SER D 110 19.32 12.88 -20.83
N LEU D 111 20.33 13.14 -20.01
CA LEU D 111 21.40 14.02 -20.47
C LEU D 111 22.20 13.38 -21.59
N LEU D 112 22.45 12.08 -21.51
CA LEU D 112 23.14 11.44 -22.62
C LEU D 112 22.45 11.71 -23.96
N LYS D 113 21.13 11.57 -23.98
CA LYS D 113 20.33 11.73 -25.18
C LYS D 113 20.24 13.19 -25.62
N HIS D 114 19.89 14.09 -24.69
CA HIS D 114 19.67 15.47 -25.08
C HIS D 114 20.95 16.26 -25.29
N LEU D 115 22.04 15.89 -24.62
CA LEU D 115 23.32 16.52 -24.91
C LEU D 115 24.11 15.79 -25.99
N ASP D 116 23.69 14.59 -26.40
CA ASP D 116 24.43 13.77 -27.36
C ASP D 116 25.88 13.58 -26.92
N LEU D 117 26.04 13.00 -25.73
CA LEU D 117 27.34 12.66 -25.19
C LEU D 117 27.40 11.17 -24.88
N THR D 118 28.63 10.66 -24.81
CA THR D 118 28.93 9.33 -24.29
C THR D 118 29.01 9.36 -22.76
N GLN D 119 29.03 8.17 -22.14
CA GLN D 119 29.19 8.06 -20.69
C GLN D 119 30.42 8.83 -20.20
N GLU D 120 31.55 8.67 -20.88
CA GLU D 120 32.81 9.31 -20.47
C GLU D 120 32.71 10.83 -20.62
N GLN D 121 32.08 11.29 -21.69
CA GLN D 121 31.93 12.73 -21.87
C GLN D 121 31.00 13.34 -20.82
N LEU D 122 29.90 12.66 -20.52
CA LEU D 122 28.98 13.17 -19.49
C LEU D 122 29.65 13.15 -18.11
N ALA D 123 30.40 12.10 -17.82
CA ALA D 123 31.12 12.04 -16.56
C ALA D 123 32.03 13.25 -16.41
N LYS D 124 32.78 13.58 -17.47
CA LYS D 124 33.64 14.76 -17.41
C LYS D 124 32.82 16.04 -17.17
N ARG D 125 31.69 16.17 -17.86
CA ARG D 125 30.86 17.37 -17.77
C ARG D 125 30.21 17.52 -16.40
N LEU D 126 29.88 16.40 -15.75
CA LEU D 126 29.21 16.41 -14.44
C LEU D 126 30.16 16.28 -13.27
N GLY D 127 31.46 16.05 -13.48
CA GLY D 127 32.37 15.87 -12.37
C GLY D 127 32.20 14.57 -11.59
N LYS D 128 31.78 13.51 -12.26
CA LYS D 128 31.63 12.19 -11.68
C LYS D 128 32.50 11.21 -12.47
N SER D 129 32.80 10.06 -11.88
CA SER D 129 33.58 9.06 -12.60
C SER D 129 32.73 8.37 -13.66
N ARG D 130 33.38 7.87 -14.72
CA ARG D 130 32.64 7.14 -15.73
C ARG D 130 31.95 5.91 -15.15
N PRO D 131 32.63 5.08 -14.33
CA PRO D 131 31.90 3.92 -13.77
C PRO D 131 30.71 4.34 -12.94
N HIS D 132 30.79 5.46 -12.20
CA HIS D 132 29.63 5.86 -11.42
C HIS D 132 28.41 6.03 -12.33
N ILE D 133 28.60 6.65 -13.47
CA ILE D 133 27.50 6.90 -14.38
C ILE D 133 27.06 5.61 -15.03
N ALA D 134 28.01 4.83 -15.52
CA ALA D 134 27.64 3.57 -16.16
C ALA D 134 26.90 2.65 -15.21
N ASN D 135 27.37 2.56 -13.96
CA ASN D 135 26.73 1.66 -13.01
C ASN D 135 25.31 2.10 -12.69
N HIS D 136 25.08 3.42 -12.61
CA HIS D 136 23.71 3.85 -12.38
C HIS D 136 22.84 3.54 -13.59
N LEU D 137 23.35 3.79 -14.80
CA LEU D 137 22.57 3.51 -15.99
C LEU D 137 22.18 2.03 -16.09
N ARG D 138 23.00 1.15 -15.54
CA ARG D 138 22.63 -0.27 -15.59
C ARG D 138 21.32 -0.58 -14.90
N LEU D 139 20.96 0.20 -13.88
CA LEU D 139 19.72 -0.03 -13.19
C LEU D 139 18.52 0.12 -14.10
N LEU D 140 18.64 0.94 -15.17
CA LEU D 140 17.53 1.17 -16.07
C LEU D 140 17.28 -0.02 -17.00
N THR D 141 18.17 -1.00 -16.99
CA THR D 141 17.92 -2.21 -17.77
C THR D 141 17.06 -3.19 -17.03
N LEU D 142 16.82 -2.98 -15.74
CA LEU D 142 15.90 -3.84 -15.03
C LEU D 142 14.48 -3.61 -15.56
N PRO D 143 13.66 -4.65 -15.55
CA PRO D 143 12.25 -4.48 -15.92
C PRO D 143 11.60 -3.39 -15.08
N GLU D 144 10.58 -2.75 -15.67
CA GLU D 144 9.93 -1.61 -15.02
C GLU D 144 9.28 -2.00 -13.69
N ASN D 145 8.67 -3.18 -13.59
CA ASN D 145 8.06 -3.53 -12.32
C ASN D 145 9.10 -3.72 -11.22
N ILE D 146 10.30 -4.21 -11.56
CA ILE D 146 11.37 -4.32 -10.57
C ILE D 146 11.88 -2.92 -10.18
N GLN D 147 12.03 -2.03 -11.15
CA GLN D 147 12.39 -0.65 -10.81
C GLN D 147 11.35 -0.03 -9.88
N GLN D 148 10.07 -0.35 -10.10
CA GLN D 148 9.01 0.18 -9.24
C GLN D 148 9.10 -0.41 -7.83
N LEU D 149 9.39 -1.70 -7.72
CA LEU D 149 9.60 -2.32 -6.42
C LEU D 149 10.76 -1.68 -5.65
N ILE D 150 11.78 -1.23 -6.37
CA ILE D 150 12.90 -0.57 -5.71
C ILE D 150 12.47 0.82 -5.26
N ALA D 151 11.85 1.58 -6.16
CA ALA D 151 11.41 2.93 -5.83
C ALA D 151 10.51 2.95 -4.61
N GLU D 152 9.74 1.88 -4.39
CA GLU D 152 8.83 1.75 -3.26
C GLU D 152 9.49 1.22 -2.00
N GLY D 153 10.72 0.73 -2.10
CA GLY D 153 11.39 0.15 -0.96
C GLY D 153 11.08 -1.30 -0.66
N THR D 154 10.25 -1.96 -1.47
CA THR D 154 10.02 -3.39 -1.30
C THR D 154 11.29 -4.18 -1.60
N LEU D 155 12.06 -3.75 -2.59
CA LEU D 155 13.40 -4.24 -2.84
C LEU D 155 14.37 -3.12 -2.49
N SER D 156 15.45 -3.46 -1.78
CA SER D 156 16.50 -2.50 -1.53
C SER D 156 17.33 -2.27 -2.79
N MSE D 157 18.11 -1.19 -2.77
CA MSE D 157 19.02 -0.88 -3.87
C MSE D 157 20.08 -1.93 -4.00
O MSE D 157 20.52 -2.26 -5.13
CB MSE D 157 19.73 0.45 -3.67
CG MSE D 157 18.85 1.59 -4.04
SE MSE D 157 18.39 1.28 -5.92
CE MSE D 157 19.91 1.83 -6.83
H MSE D 157 18.13 -0.61 -2.12
HA MSE D 157 18.47 -0.84 -4.67
HB2 MSE D 157 19.98 0.55 -2.74
HB3 MSE D 157 20.52 0.48 -4.22
HG2 MSE D 157 18.06 1.61 -3.50
HG3 MSE D 157 19.32 2.44 -3.95
HE1 MSE D 157 19.65 2.41 -7.55
HE2 MSE D 157 20.48 2.31 -6.21
HE3 MSE D 157 20.37 1.05 -7.17
N GLY D 158 20.55 -2.45 -2.87
CA GLY D 158 21.51 -3.53 -2.92
C GLY D 158 20.97 -4.74 -3.65
N HIS D 159 19.68 -5.03 -3.45
CA HIS D 159 19.04 -6.11 -4.22
C HIS D 159 19.04 -5.77 -5.70
N GLY D 160 18.64 -4.53 -6.04
CA GLY D 160 18.61 -4.13 -7.43
C GLY D 160 19.95 -4.32 -8.13
N ARG D 161 21.02 -3.88 -7.49
CA ARG D 161 22.35 -4.03 -8.05
C ARG D 161 22.70 -5.50 -8.22
N THR D 162 22.35 -6.30 -7.23
CA THR D 162 22.75 -7.70 -7.26
C THR D 162 22.05 -8.44 -8.39
N LEU D 163 20.81 -8.02 -8.71
CA LEU D 163 20.02 -8.64 -9.77
C LEU D 163 20.66 -8.46 -11.14
N LEU D 164 21.47 -7.42 -11.33
CA LEU D 164 22.19 -7.26 -12.58
C LEU D 164 23.14 -8.41 -12.89
N GLY D 165 23.60 -9.16 -11.88
CA GLY D 165 24.48 -10.31 -12.10
C GLY D 165 23.80 -11.54 -12.66
N LEU D 166 22.46 -11.54 -12.73
CA LEU D 166 21.78 -12.72 -13.26
C LEU D 166 21.97 -12.77 -14.77
N LYS D 167 22.51 -13.88 -15.26
CA LYS D 167 22.81 -14.03 -16.68
C LYS D 167 21.54 -14.10 -17.49
N ASN D 168 20.60 -14.93 -17.06
CA ASN D 168 19.40 -15.20 -17.83
C ASN D 168 18.27 -14.29 -17.36
N LYS D 169 18.02 -13.23 -18.12
CA LYS D 169 17.07 -12.21 -17.68
C LYS D 169 15.66 -12.78 -17.55
N ASN D 170 15.35 -13.85 -18.28
CA ASN D 170 13.99 -14.36 -18.19
C ASN D 170 13.68 -14.98 -16.85
N LYS D 171 14.68 -15.22 -15.99
CA LYS D 171 14.40 -15.75 -14.67
C LYS D 171 14.30 -14.64 -13.61
N LEU D 172 14.41 -13.38 -14.00
CA LEU D 172 14.39 -12.29 -13.03
C LEU D 172 13.10 -12.28 -12.22
N GLU D 173 11.95 -12.38 -12.89
CA GLU D 173 10.69 -12.16 -12.21
C GLU D 173 10.41 -13.24 -11.15
N PRO D 174 10.56 -14.54 -11.46
CA PRO D 174 10.37 -15.52 -10.38
C PRO D 174 11.39 -15.36 -9.25
N LEU D 175 12.62 -14.96 -9.58
CA LEU D 175 13.64 -14.77 -8.55
C LEU D 175 13.25 -13.62 -7.63
N VAL D 176 12.74 -12.52 -8.19
CA VAL D 176 12.35 -11.39 -7.36
C VAL D 176 11.18 -11.75 -6.45
N GLN D 177 10.19 -12.49 -6.96
CA GLN D 177 9.07 -12.89 -6.11
C GLN D 177 9.52 -13.80 -4.98
N LYS D 178 10.52 -14.65 -5.22
CA LYS D 178 11.06 -15.48 -4.15
C LYS D 178 11.78 -14.62 -3.10
N VAL D 179 12.56 -13.62 -3.55
CA VAL D 179 13.22 -12.71 -2.63
C VAL D 179 12.20 -12.03 -1.72
N ILE D 180 11.08 -11.58 -2.31
CA ILE D 180 10.08 -10.82 -1.55
C ILE D 180 9.33 -11.76 -0.60
N ALA D 181 8.89 -12.92 -1.12
CA ALA D 181 8.13 -13.86 -0.32
C ALA D 181 8.92 -14.34 0.90
N GLU D 182 10.18 -14.69 0.69
CA GLU D 182 10.99 -15.21 1.79
C GLU D 182 11.76 -14.13 2.52
N GLN D 183 11.73 -12.89 2.05
CA GLN D 183 12.44 -11.79 2.69
C GLN D 183 13.94 -12.07 2.76
N LEU D 184 14.49 -12.50 1.63
CA LEU D 184 15.90 -12.81 1.54
C LEU D 184 16.76 -11.54 1.53
N ASN D 185 17.94 -11.66 2.10
CA ASN D 185 18.89 -10.56 2.14
C ASN D 185 19.76 -10.60 0.90
N VAL D 186 20.61 -9.58 0.76
CA VAL D 186 21.36 -9.42 -0.48
C VAL D 186 22.36 -10.56 -0.67
N ARG D 187 22.95 -11.06 0.42
CA ARG D 187 23.93 -12.15 0.26
C ARG D 187 23.23 -13.45 -0.16
N GLN D 188 22.05 -13.73 0.42
CA GLN D 188 21.31 -14.92 -0.01
C GLN D 188 20.91 -14.84 -1.48
N LEU D 189 20.53 -13.64 -1.94
CA LEU D 189 20.25 -13.41 -3.36
C LEU D 189 21.47 -13.64 -4.23
N GLU D 190 22.64 -13.11 -3.81
CA GLU D 190 23.85 -13.34 -4.59
C GLU D 190 24.11 -14.83 -4.78
N GLN D 191 23.95 -15.59 -3.71
CA GLN D 191 24.22 -17.01 -3.75
C GLN D 191 23.28 -17.74 -4.69
N LEU D 192 22.00 -17.38 -4.67
CA LEU D 192 21.02 -17.96 -5.58
C LEU D 192 21.36 -17.67 -7.02
N ILE D 193 21.75 -16.43 -7.29
CA ILE D 193 22.16 -16.06 -8.65
C ILE D 193 23.36 -16.87 -9.10
N GLN D 194 24.37 -17.04 -8.22
CA GLN D 194 25.48 -17.91 -8.55
C GLN D 194 25.01 -19.29 -8.97
N GLN D 195 24.05 -19.85 -8.24
CA GLN D 195 23.57 -21.19 -8.61
C GLN D 195 22.83 -21.17 -9.95
N LEU D 196 21.96 -20.19 -10.13
CA LEU D 196 21.19 -20.07 -11.36
C LEU D 196 22.09 -19.88 -12.57
N ASN D 197 23.18 -19.14 -12.41
CA ASN D 197 24.04 -18.88 -13.55
C ASN D 197 24.81 -20.13 -13.95
N GLN D 198 24.93 -21.13 -13.06
CA GLN D 198 25.54 -22.41 -13.42
C GLN D 198 24.63 -23.29 -14.27
N ASN D 199 23.32 -23.02 -14.30
CA ASN D 199 22.37 -23.87 -15.04
C ASN D 199 22.39 -25.27 -14.38
O3B CDP E . -15.94 -10.31 8.57
PB CDP E . -14.88 -11.45 8.62
O1B CDP E . -15.10 -12.32 9.78
O2B CDP E . -13.51 -10.95 8.62
O3A CDP E . -15.03 -12.37 7.36
PA CDP E . -15.96 -12.19 6.00
O1A CDP E . -17.41 -12.07 6.37
O2A CDP E . -15.68 -13.39 5.13
O5' CDP E . -15.46 -10.81 5.22
C5' CDP E . -14.11 -10.63 4.98
C4' CDP E . -13.95 -9.05 4.89
O4' CDP E . -12.45 -8.95 4.66
C3' CDP E . -14.58 -8.53 3.89
O3' CDP E . -15.32 -7.38 4.36
C2' CDP E . -13.39 -8.09 2.84
O2' CDP E . -13.77 -6.93 2.04
C1' CDP E . -12.41 -7.79 3.63
N1 CDP E . -11.08 -7.90 3.11
C2 CDP E . -10.02 -7.06 3.74
O2 CDP E . -10.29 -6.30 4.69
N3 CDP E . -8.70 -7.11 3.23
C4 CDP E . -8.38 -8.01 2.15
N4 CDP E . -7.00 -7.98 1.74
C5 CDP E . -9.40 -8.87 1.54
C6 CDP E . -10.76 -8.81 2.05
H5'1 CDP E . -13.58 -10.99 5.71
H5'2 CDP E . -13.85 -11.07 4.15
H4' CDP E . -14.28 -8.55 5.64
H3' CDP E . -15.18 -9.17 3.46
HA CDP E . -15.75 -7.04 3.71
H2' CDP E . -13.15 -8.82 2.24
HB CDP E . -14.61 -6.82 2.10
H1' CDP E . -12.58 -6.88 3.92
H4N1 CDP E . -6.43 -7.48 2.14
H4N2 CDP E . -6.72 -8.51 1.10
H5 CDP E . -9.18 -9.45 0.85
H6 CDP E . -11.42 -9.35 1.69
CA CA F . -18.08 -10.62 8.14
CA CA G . -17.12 -11.56 13.13
O3B CDP H . -21.69 -2.12 -3.29
PB CDP H . -21.64 -2.55 -1.89
O1B CDP H . -22.34 -1.54 -1.02
O2B CDP H . -20.22 -2.80 -1.41
O3A CDP H . -22.60 -3.82 -1.84
PA CDP H . -22.28 -5.26 -1.16
O1A CDP H . -23.55 -6.10 -1.30
O2A CDP H . -21.07 -5.83 -1.76
O5' CDP H . -21.98 -5.10 0.46
C5' CDP H . -22.89 -4.30 1.15
C4' CDP H . -22.15 -3.79 2.44
O4' CDP H . -23.19 -3.05 3.24
C3' CDP H . -21.71 -4.79 3.16
O3' CDP H . -20.37 -4.61 3.62
C2' CDP H . -22.66 -4.73 4.52
O2' CDP H . -21.85 -5.14 5.72
C1' CDP H . -22.86 -3.46 4.64
N1 CDP H . -24.02 -3.01 5.33
C2 CDP H . -23.98 -1.63 5.90
O2 CDP H . -22.99 -0.88 5.78
N3 CDP H . -25.12 -1.23 6.60
C4 CDP H . -26.26 -2.06 6.75
N4 CDP H . -27.37 -1.54 7.51
C5 CDP H . -26.34 -3.39 6.19
C6 CDP H . -25.18 -3.84 5.44
H5'1 CDP H . -23.17 -3.55 0.60
H5'2 CDP H . -23.68 -4.81 1.40
H4' CDP H . -21.38 -3.23 2.26
H3' CDP H . -21.81 -5.60 2.64
HA CDP H . -20.20 -5.17 4.23
H2' CDP H . -23.45 -5.27 4.43
HB CDP H . -21.90 -5.99 5.81
H1' CDP H . -22.07 -3.15 5.09
H4N1 CDP H . -27.36 -0.75 7.83
H4N2 CDP H . -28.09 -2.03 7.61
H5 CDP H . -27.09 -3.93 6.31
H6 CDP H . -25.20 -4.67 5.04
CA CA I . -19.05 -4.64 -2.13
CA CA J . -18.64 -0.73 -5.51
O3B CDP K . 14.06 23.10 -3.06
PB CDP K . 14.68 21.96 -3.81
O1B CDP K . 13.74 21.43 -4.86
O2B CDP K . 16.01 22.32 -4.28
O3A CDP K . 14.79 20.76 -2.77
PA CDP K . 16.11 20.17 -2.07
O1A CDP K . 15.57 19.17 -1.04
O2A CDP K . 17.13 19.70 -3.06
O5' CDP K . 16.92 21.36 -1.29
C5' CDP K . 16.14 22.02 -0.30
C4' CDP K . 17.00 23.33 -0.14
O4' CDP K . 16.19 24.14 0.89
C3' CDP K . 18.19 23.16 0.36
O3' CDP K . 19.14 23.89 -0.48
C2' CDP K . 18.24 23.91 1.84
O2' CDP K . 19.55 24.51 2.16
C1' CDP K . 17.36 24.82 1.65
N1 CDP K . 16.62 25.35 2.77
C2 CDP K . 16.16 26.76 2.72
O2 CDP K . 16.36 27.42 1.69
N3 CDP K . 15.45 27.27 3.86
C4 CDP K . 15.21 26.45 5.03
N4 CDP K . 14.50 26.96 6.18
C5 CDP K . 15.63 25.06 5.06
C6 CDP K . 16.36 24.56 3.92
H5'1 CDP K . 15.25 22.21 -0.61
H5'2 CDP K . 16.09 21.50 0.52
H4' CDP K . 17.16 23.76 -0.98
H3' CDP K . 18.37 22.21 0.43
HA CDP K . 19.90 23.89 -0.10
H2' CDP K . 18.02 23.29 2.56
HB CDP K . 20.10 23.89 2.38
H1' CDP K . 17.90 25.50 1.22
H4N1 CDP K . 14.19 27.78 6.18
H4N2 CDP K . 14.33 26.46 6.87
H5 CDP K . 15.44 24.52 5.80
H6 CDP K . 16.66 23.68 3.94
CA CA L . 17.58 20.85 -5.07
CA CA M . 14.10 21.86 -8.74
O3B CDP N . 29.96 23.69 -0.02
PB CDP N . 29.21 22.95 1.10
O1B CDP N . 27.88 23.56 1.39
O2B CDP N . 30.07 22.89 2.27
O3A CDP N . 29.09 21.39 0.65
PA CDP N . 27.69 20.63 0.40
O1A CDP N . 26.73 20.60 1.57
O2A CDP N . 28.14 19.21 0.03
O5' CDP N . 26.96 21.31 -0.91
C5' CDP N . 27.76 21.69 -1.96
C4' CDP N . 26.96 22.74 -2.77
O4' CDP N . 27.73 23.04 -4.04
C3' CDP N . 25.78 22.28 -3.16
O3' CDP N . 24.72 23.06 -2.57
C2' CDP N . 25.67 22.41 -4.81
O2' CDP N . 24.35 22.85 -5.32
C1' CDP N . 26.54 23.32 -5.04
N1 CDP N . 27.29 23.26 -6.28
C2 CDP N . 27.77 24.54 -6.85
O2 CDP N . 27.52 25.65 -6.30
N3 CDP N . 28.49 24.48 -8.07
C4 CDP N . 28.77 23.26 -8.74
N4 CDP N . 29.51 23.40 -9.97
C5 CDP N . 28.33 21.99 -8.17
C6 CDP N . 27.59 22.01 -6.93
H5'1 CDP N . 28.58 22.09 -1.63
H5'2 CDP N . 27.97 20.93 -2.51
H4' CDP N . 26.81 23.54 -2.25
H3' CDP N . 25.73 21.35 -2.90
HA CDP N . 23.97 22.74 -2.79
H2' CDP N . 25.86 21.55 -5.22
HB CDP N . 23.83 22.18 -5.37
H1' CDP N . 26.01 24.14 -4.95
H4N1 CDP N . 29.75 24.18 -10.25
H4N2 CDP N . 29.74 22.70 -10.46
H5 CDP N . 28.52 21.20 -8.60
H6 CDP N . 27.29 21.21 -6.55
CA CA O . 26.26 22.54 2.72
CA CA P . 29.69 24.98 5.70
#